data_3NAN
#
_entry.id   3NAN
#
_cell.length_a   71.330
_cell.length_b   71.330
_cell.length_c   589.210
_cell.angle_alpha   90.000
_cell.angle_beta   90.000
_cell.angle_gamma   90.000
#
_symmetry.space_group_name_H-M   'P 41 21 2'
#
loop_
_entity.id
_entity.type
_entity.pdbx_description
1 polymer SERCA1a
2 non-polymer 'POTASSIUM ION'
3 non-polymer 'MAGNESIUM ION'
4 non-polymer '(3S,3aR,4S,6S,6aR,7S,8S,9R,9aS,9bS)-6-(acetyloxy)-4-{[4-(3-{6-[(tert-butoxycarbonyl)amino]hexyl}-4-hydroxyphenyl)butanoyl]oxy}-3,3a-dihydroxy-3,6,9-trimethyl-8-{[(2Z)-2-methylbut-2-enoyl]oxy}-2-oxododecahydroazuleno[4,5-b]furan-7-yl octanoate'
5 non-polymer PHOSPHATIDYLETHANOLAMINE
#
_entity_poly.entity_id   1
_entity_poly.type   'polypeptide(L)'
_entity_poly.pdbx_seq_one_letter_code
;MEAAHSKSTEECLAYFGVSETTGLTPDQVKRHLEKYGHNELPAEEGKSLWELVIEQFEDLLVRILLLAACISFVLAWFEE
GEETITAFVEPFVILLILIANAIVGVWQERNAENAIEALKEYEPEMGKVYRADRKSVQRIKARDIVPGDIVEVAVGDKVP
ADIRILSIKSTTLRVDQSILTGESVSVIKHTEPVPDPRAVNQDKKNMLFSGTNIAAGKALGIVATTGVSTEIGKIRDQMA
ATEQDKTPLQQKLDEFGEQLSKVISLICVAVWLINIGHFNDPVHGGSWIRGAIYYFKIAVALAVAAIPEGLPAVITTCLA
LGTRRMAKKNAIVRSLPSVETLGCTSVICSDKTGTLTTNQMSVCKMFIIDKVDGDFCSLNEFSITGSTYAPEGEVLKNDK
PIRSGQFDGLVELATICALCNDSSLDFNETKGVYEKVGEATETALTTLVEKMNVFNTEVRNLSKVERANACNSVIRQLMK
KEFTLEFSRDRKSMSVYCSPAKSSRAAVGNKMFVKGAPEGVIDRCNYVRVGTTRVPMTGPVKEKILSVIKEWGTGRDTLR
CLALATRDTPPKREEMVLDDSSRFMEYETDLTFVGVVGMLDPPRKEVMGSIQLCRDAGIRVIMITGDNKGTAIAICRRIG
IFGENEEVADRAYTGREFDDLPLAEQREACRRACCFARVEPSHKSKIVEYLQSYDEITAMTGDGVNDAPALKKAEIGIAM
GSGTAVAKTASEMVLADDNFSTIVAAVEEGRAIYNNMKQFIRYLISSNVGEVVCIFLTAALGLPEALIPVQLLWVNLVTD
GLPATALGFNPPDLDIMDRPPRSPKEPLISGWLFFRYMAIGGYVGAATVGAAAWWFMYAEDGPGVTYHQLTHFMQCTEDH
PHFEGLDCEIFEAPEPMTMALSVLVTIEMCNALNSLSENQSLMRMPPWVNIWLLGSICLSMSLHFLILYVDPLPMIFKLK
ALDLTQWLMVLKISLPVIGLDEILKFIARNYLEG
;
_entity_poly.pdbx_strand_id   A
#
loop_
_chem_comp.id
_chem_comp.type
_chem_comp.name
_chem_comp.formula
HZ1 non-polymer '(3S,3aR,4S,6S,6aR,7S,8S,9R,9aS,9bS)-6-(acetyloxy)-4-{[4-(3-{6-[(tert-butoxycarbonyl)amino]hexyl}-4-hydroxyphenyl)butanoyl]oxy}-3,3a-dihydroxy-3,6,9-trimethyl-8-{[(2Z)-2-methylbut-2-enoyl]oxy}-2-oxododecahydroazuleno[4,5-b]furan-7-yl octanoate' 'C51 H77 N O15'
K non-polymer 'POTASSIUM ION' 'K 1'
MG non-polymer 'MAGNESIUM ION' 'Mg 2'
PTY non-polymer PHOSPHATIDYLETHANOLAMINE 'C40 H80 N O8 P'
#
# COMPACT_ATOMS: atom_id res chain seq x y z
N MET A 1 -25.28 16.24 19.98
CA MET A 1 -24.01 16.29 19.19
C MET A 1 -23.98 17.57 18.39
N GLU A 2 -22.82 18.21 18.27
CA GLU A 2 -22.81 19.46 17.53
C GLU A 2 -21.54 19.89 16.78
N ALA A 3 -21.41 21.21 16.59
CA ALA A 3 -20.25 21.85 15.95
C ALA A 3 -19.65 22.73 17.05
N ALA A 4 -19.64 22.17 18.26
CA ALA A 4 -19.19 22.79 19.49
C ALA A 4 -17.94 23.64 19.49
N HIS A 5 -16.97 23.32 18.63
CA HIS A 5 -15.73 24.08 18.61
C HIS A 5 -15.94 25.57 18.37
N SER A 6 -16.97 25.91 17.61
CA SER A 6 -17.28 27.30 17.29
C SER A 6 -18.20 27.94 18.31
N LYS A 7 -18.99 27.10 18.98
CA LYS A 7 -19.93 27.55 20.00
C LYS A 7 -19.18 27.84 21.31
N SER A 8 -19.77 28.65 22.18
CA SER A 8 -19.13 28.98 23.45
C SER A 8 -19.58 28.00 24.52
N THR A 9 -18.82 27.92 25.60
CA THR A 9 -19.11 27.00 26.72
C THR A 9 -20.59 27.02 27.17
N GLU A 10 -21.16 28.20 27.29
CA GLU A 10 -22.55 28.33 27.73
C GLU A 10 -23.46 27.73 26.67
N GLU A 11 -23.37 28.29 25.48
CA GLU A 11 -24.18 27.82 24.37
C GLU A 11 -24.25 26.29 24.35
N CYS A 12 -23.15 25.64 24.71
CA CYS A 12 -23.11 24.19 24.73
C CYS A 12 -23.86 23.63 25.93
N LEU A 13 -23.74 24.32 27.06
CA LEU A 13 -24.42 23.86 28.26
C LEU A 13 -25.88 24.15 28.05
N ALA A 14 -26.13 25.09 27.14
CA ALA A 14 -27.48 25.48 26.79
C ALA A 14 -28.06 24.36 25.92
N TYR A 15 -27.47 24.17 24.75
CA TYR A 15 -27.89 23.15 23.80
C TYR A 15 -28.41 21.88 24.49
N PHE A 16 -27.53 21.20 25.22
CA PHE A 16 -27.92 19.98 25.90
C PHE A 16 -28.75 20.27 27.13
N GLY A 17 -28.73 21.52 27.56
CA GLY A 17 -29.46 21.89 28.75
C GLY A 17 -28.99 21.04 29.91
N VAL A 18 -27.70 21.13 30.21
CA VAL A 18 -27.13 20.37 31.30
C VAL A 18 -26.36 21.33 32.19
N SER A 19 -26.39 21.05 33.48
CA SER A 19 -25.73 21.87 34.50
C SER A 19 -24.29 21.45 34.65
N GLU A 20 -23.39 22.42 34.51
CA GLU A 20 -21.96 22.14 34.61
C GLU A 20 -21.56 21.57 35.95
N THR A 21 -22.37 21.83 36.97
CA THR A 21 -22.05 21.34 38.31
C THR A 21 -22.74 20.05 38.70
N THR A 22 -23.88 19.77 38.08
CA THR A 22 -24.63 18.57 38.39
C THR A 22 -24.39 17.48 37.36
N GLY A 23 -24.19 17.91 36.11
CA GLY A 23 -23.99 16.97 35.03
C GLY A 23 -25.36 16.61 34.49
N LEU A 24 -25.45 15.49 33.80
CA LEU A 24 -26.75 15.09 33.27
C LEU A 24 -27.49 14.43 34.41
N THR A 25 -28.82 14.48 34.33
CA THR A 25 -29.65 13.86 35.33
C THR A 25 -29.94 12.46 34.83
N PRO A 26 -30.01 11.47 35.73
CA PRO A 26 -30.28 10.09 35.35
C PRO A 26 -31.38 9.94 34.31
N ASP A 27 -32.30 10.91 34.26
CA ASP A 27 -33.37 10.87 33.28
C ASP A 27 -32.78 11.30 31.95
N GLN A 28 -32.12 12.46 31.97
CA GLN A 28 -31.48 12.99 30.78
C GLN A 28 -30.62 11.92 30.12
N VAL A 29 -29.96 11.10 30.94
CA VAL A 29 -29.10 10.04 30.44
C VAL A 29 -29.89 9.01 29.63
N LYS A 30 -31.02 8.54 30.16
CA LYS A 30 -31.82 7.55 29.44
C LYS A 30 -32.32 8.17 28.15
N ARG A 31 -32.86 9.38 28.24
CA ARG A 31 -33.38 10.07 27.07
C ARG A 31 -32.27 10.22 26.01
N HIS A 32 -31.17 10.85 26.41
CA HIS A 32 -30.01 11.09 25.52
C HIS A 32 -29.43 9.84 24.83
N LEU A 33 -29.30 8.74 25.59
CA LEU A 33 -28.75 7.48 25.08
C LEU A 33 -29.62 6.86 23.99
N GLU A 34 -30.93 6.84 24.24
CA GLU A 34 -31.90 6.31 23.30
C GLU A 34 -32.00 7.21 22.06
N LYS A 35 -31.43 8.41 22.13
CA LYS A 35 -31.48 9.32 20.99
C LYS A 35 -30.16 9.41 20.22
N TYR A 36 -29.06 9.08 20.88
CA TYR A 36 -27.73 9.17 20.26
C TYR A 36 -27.00 7.83 20.25
N GLY A 37 -27.62 6.79 20.80
CA GLY A 37 -27.00 5.48 20.83
C GLY A 37 -25.80 5.39 21.75
N HIS A 38 -25.21 4.21 21.84
CA HIS A 38 -24.04 4.03 22.67
C HIS A 38 -22.84 4.72 22.04
N ASN A 39 -21.89 5.12 22.87
CA ASN A 39 -20.69 5.78 22.38
C ASN A 39 -19.63 4.71 22.10
N GLU A 40 -19.77 4.07 20.95
CA GLU A 40 -18.87 3.01 20.51
C GLU A 40 -18.96 2.92 18.99
N LEU A 41 -18.02 2.20 18.37
CA LEU A 41 -18.03 2.05 16.92
C LEU A 41 -18.82 0.81 16.51
N PRO A 42 -19.57 0.90 15.41
CA PRO A 42 -20.39 -0.19 14.89
C PRO A 42 -19.78 -1.57 15.06
N ALA A 43 -20.59 -2.49 15.56
CA ALA A 43 -20.19 -3.86 15.77
C ALA A 43 -19.62 -4.41 14.47
N GLU A 44 -18.81 -5.45 14.58
CA GLU A 44 -18.19 -6.10 13.43
C GLU A 44 -19.27 -6.86 12.66
N GLU A 45 -19.09 -7.00 11.35
CA GLU A 45 -20.05 -7.75 10.55
C GLU A 45 -19.94 -9.22 10.97
N GLY A 46 -21.06 -9.92 11.05
CA GLY A 46 -21.02 -11.31 11.47
C GLY A 46 -20.93 -12.36 10.37
N LYS A 47 -19.74 -12.91 10.18
CA LYS A 47 -19.52 -13.97 9.18
C LYS A 47 -19.24 -15.27 9.92
N SER A 48 -19.85 -16.36 9.45
CA SER A 48 -19.70 -17.67 10.08
C SER A 48 -18.98 -18.68 9.20
N LEU A 49 -18.43 -19.71 9.85
CA LEU A 49 -17.75 -20.77 9.12
C LEU A 49 -18.62 -21.21 7.97
N TRP A 50 -19.90 -21.42 8.27
CA TRP A 50 -20.83 -21.87 7.25
C TRP A 50 -20.75 -20.98 6.02
N GLU A 51 -21.05 -19.69 6.19
CA GLU A 51 -21.03 -18.76 5.07
C GLU A 51 -19.64 -18.75 4.47
N LEU A 52 -18.64 -18.74 5.34
CA LEU A 52 -17.25 -18.71 4.91
C LEU A 52 -16.90 -19.93 4.04
N VAL A 53 -17.41 -21.10 4.41
CA VAL A 53 -17.14 -22.28 3.62
C VAL A 53 -17.95 -22.21 2.34
N ILE A 54 -19.24 -21.92 2.46
CA ILE A 54 -20.09 -21.82 1.28
C ILE A 54 -19.46 -20.89 0.26
N GLU A 55 -18.85 -19.81 0.76
CA GLU A 55 -18.19 -18.86 -0.13
C GLU A 55 -17.11 -19.56 -0.95
N GLN A 56 -16.35 -20.45 -0.31
CA GLN A 56 -15.32 -21.17 -1.02
C GLN A 56 -15.95 -21.92 -2.18
N PHE A 57 -17.17 -22.42 -1.97
CA PHE A 57 -17.86 -23.18 -3.01
C PHE A 57 -18.80 -22.35 -3.87
N GLU A 58 -18.47 -21.08 -4.03
CA GLU A 58 -19.29 -20.19 -4.85
C GLU A 58 -18.72 -20.05 -6.24
N ASP A 59 -17.39 -20.04 -6.33
CA ASP A 59 -16.72 -19.92 -7.62
C ASP A 59 -17.44 -20.83 -8.60
N LEU A 60 -17.45 -20.44 -9.88
CA LEU A 60 -18.10 -21.26 -10.88
C LEU A 60 -17.30 -22.54 -11.12
N LEU A 61 -16.02 -22.40 -11.40
CA LEU A 61 -15.20 -23.57 -11.63
C LEU A 61 -15.22 -24.54 -10.46
N VAL A 62 -15.10 -24.01 -9.24
CA VAL A 62 -15.09 -24.86 -8.06
C VAL A 62 -16.36 -25.70 -8.02
N ARG A 63 -17.44 -25.11 -8.52
CA ARG A 63 -18.71 -25.80 -8.56
C ARG A 63 -18.63 -26.87 -9.63
N ILE A 64 -18.30 -26.45 -10.85
CA ILE A 64 -18.15 -27.40 -11.95
C ILE A 64 -17.38 -28.61 -11.49
N LEU A 65 -16.33 -28.38 -10.69
CA LEU A 65 -15.53 -29.46 -10.17
C LEU A 65 -16.31 -30.26 -9.15
N LEU A 66 -16.94 -29.58 -8.20
CA LEU A 66 -17.72 -30.30 -7.19
C LEU A 66 -18.74 -31.21 -7.86
N LEU A 67 -19.40 -30.72 -8.90
CA LEU A 67 -20.38 -31.51 -9.63
C LEU A 67 -19.72 -32.79 -10.15
N ALA A 68 -18.71 -32.63 -10.99
CA ALA A 68 -17.98 -33.77 -11.56
C ALA A 68 -17.51 -34.72 -10.46
N ALA A 69 -17.15 -34.14 -9.32
CA ALA A 69 -16.70 -34.94 -8.18
C ALA A 69 -17.79 -35.93 -7.77
N CYS A 70 -19.02 -35.64 -8.19
CA CYS A 70 -20.15 -36.51 -7.88
C CYS A 70 -20.40 -37.50 -9.00
N ILE A 71 -20.51 -36.98 -10.23
CA ILE A 71 -20.72 -37.88 -11.35
C ILE A 71 -19.68 -38.99 -11.13
N SER A 72 -18.47 -38.58 -10.77
CA SER A 72 -17.39 -39.52 -10.51
C SER A 72 -17.73 -40.44 -9.33
N PHE A 73 -18.04 -39.84 -8.18
CA PHE A 73 -18.37 -40.60 -6.98
C PHE A 73 -19.44 -41.65 -7.25
N VAL A 74 -20.42 -41.29 -8.08
CA VAL A 74 -21.49 -42.23 -8.43
C VAL A 74 -20.96 -43.27 -9.42
N LEU A 75 -20.24 -42.83 -10.44
CA LEU A 75 -19.66 -43.74 -11.43
C LEU A 75 -18.81 -44.83 -10.79
N ALA A 76 -17.96 -44.43 -9.84
CA ALA A 76 -17.07 -45.34 -9.13
C ALA A 76 -17.85 -46.27 -8.21
N TRP A 77 -19.10 -45.91 -7.98
CA TRP A 77 -20.00 -46.70 -7.14
C TRP A 77 -20.71 -47.72 -8.06
N PHE A 78 -20.22 -47.81 -9.30
CA PHE A 78 -20.78 -48.71 -10.32
C PHE A 78 -19.67 -49.48 -11.04
N GLU A 79 -18.58 -49.78 -10.34
CA GLU A 79 -17.50 -50.55 -10.96
C GLU A 79 -17.81 -52.03 -10.73
N GLU A 80 -17.00 -52.91 -11.32
CA GLU A 80 -17.25 -54.35 -11.18
C GLU A 80 -16.48 -55.09 -10.08
N GLY A 81 -16.99 -55.01 -8.84
CA GLY A 81 -16.37 -55.68 -7.70
C GLY A 81 -14.84 -55.67 -7.59
N GLU A 82 -14.23 -56.82 -7.89
CA GLU A 82 -12.77 -57.00 -7.84
C GLU A 82 -12.02 -56.52 -9.10
N GLU A 83 -12.78 -56.25 -10.16
CA GLU A 83 -12.17 -55.76 -11.40
C GLU A 83 -11.53 -54.41 -11.11
N THR A 84 -11.89 -53.84 -9.96
CA THR A 84 -11.37 -52.54 -9.52
C THR A 84 -11.76 -52.22 -8.08
N ILE A 85 -10.77 -51.72 -7.32
CA ILE A 85 -10.97 -51.31 -5.93
C ILE A 85 -10.53 -49.86 -5.82
N THR A 86 -9.62 -49.47 -6.72
CA THR A 86 -9.11 -48.13 -6.76
C THR A 86 -10.17 -47.19 -7.31
N ALA A 87 -11.33 -47.76 -7.64
CA ALA A 87 -12.47 -47.04 -8.19
C ALA A 87 -12.81 -45.73 -7.51
N PHE A 88 -12.73 -45.75 -6.19
CA PHE A 88 -13.06 -44.58 -5.39
C PHE A 88 -11.96 -43.54 -5.18
N VAL A 89 -10.86 -43.65 -5.93
CA VAL A 89 -9.77 -42.69 -5.79
C VAL A 89 -9.95 -41.45 -6.66
N GLU A 90 -10.55 -41.63 -7.84
CA GLU A 90 -10.79 -40.50 -8.73
C GLU A 90 -11.62 -39.45 -7.99
N PRO A 91 -12.84 -39.80 -7.55
CA PRO A 91 -13.70 -38.86 -6.83
C PRO A 91 -13.14 -38.36 -5.50
N PHE A 92 -12.43 -39.23 -4.79
CA PHE A 92 -11.82 -38.90 -3.50
C PHE A 92 -10.80 -37.76 -3.63
N VAL A 93 -10.02 -37.78 -4.69
CA VAL A 93 -8.99 -36.76 -4.92
C VAL A 93 -9.59 -35.41 -5.29
N ILE A 94 -10.56 -35.39 -6.18
CA ILE A 94 -11.18 -34.13 -6.56
C ILE A 94 -11.67 -33.44 -5.30
N LEU A 95 -12.26 -34.22 -4.39
CA LEU A 95 -12.73 -33.65 -3.14
C LEU A 95 -11.58 -33.02 -2.36
N LEU A 96 -10.46 -33.75 -2.23
CA LEU A 96 -9.29 -33.25 -1.50
C LEU A 96 -8.86 -31.91 -2.07
N ILE A 97 -9.03 -31.74 -3.37
CA ILE A 97 -8.68 -30.50 -4.00
C ILE A 97 -9.65 -29.46 -3.48
N LEU A 98 -10.94 -29.74 -3.62
CA LEU A 98 -11.95 -28.81 -3.15
C LEU A 98 -11.88 -28.60 -1.65
N ILE A 99 -11.71 -29.69 -0.90
CA ILE A 99 -11.59 -29.60 0.55
C ILE A 99 -10.39 -28.73 0.88
N ALA A 100 -9.27 -29.04 0.27
CA ALA A 100 -8.05 -28.28 0.46
C ALA A 100 -8.33 -26.82 0.14
N ASN A 101 -8.69 -26.56 -1.11
CA ASN A 101 -9.01 -25.22 -1.56
C ASN A 101 -9.87 -24.44 -0.58
N ALA A 102 -10.83 -25.10 0.06
CA ALA A 102 -11.71 -24.43 1.01
C ALA A 102 -10.92 -24.07 2.26
N ILE A 103 -10.31 -25.09 2.86
CA ILE A 103 -9.52 -24.94 4.05
C ILE A 103 -8.59 -23.76 3.90
N VAL A 104 -8.01 -23.58 2.72
CA VAL A 104 -7.10 -22.46 2.49
C VAL A 104 -7.85 -21.15 2.67
N GLY A 105 -8.84 -20.95 1.80
CA GLY A 105 -9.64 -19.74 1.82
C GLY A 105 -10.10 -19.32 3.20
N VAL A 106 -10.46 -20.30 4.03
CA VAL A 106 -10.91 -19.98 5.38
C VAL A 106 -9.75 -19.57 6.28
N TRP A 107 -8.65 -20.33 6.26
CA TRP A 107 -7.50 -20.00 7.09
C TRP A 107 -6.99 -18.65 6.66
N GLN A 108 -7.13 -18.41 5.36
CA GLN A 108 -6.71 -17.18 4.74
C GLN A 108 -7.46 -16.01 5.37
N GLU A 109 -8.77 -16.17 5.55
CA GLU A 109 -9.58 -15.10 6.12
C GLU A 109 -9.59 -15.00 7.63
N ARG A 110 -9.29 -16.09 8.32
CA ARG A 110 -9.25 -16.05 9.78
C ARG A 110 -8.04 -15.25 10.22
N ASN A 111 -6.93 -15.43 9.52
CA ASN A 111 -5.71 -14.74 9.86
C ASN A 111 -5.70 -13.30 9.37
N ALA A 112 -6.73 -12.93 8.62
CA ALA A 112 -6.87 -11.57 8.09
C ALA A 112 -7.15 -10.58 9.21
N GLU A 113 -6.84 -9.30 8.99
CA GLU A 113 -7.10 -8.28 9.99
C GLU A 113 -7.76 -7.06 9.35
N ASN A 114 -8.89 -6.64 9.91
CA ASN A 114 -9.64 -5.50 9.37
C ASN A 114 -9.10 -4.14 9.80
N ALA A 115 -8.90 -3.26 8.83
CA ALA A 115 -8.42 -1.92 9.13
C ALA A 115 -9.41 -1.18 10.05
N ILE A 116 -10.70 -1.47 9.87
CA ILE A 116 -11.73 -0.83 10.68
C ILE A 116 -11.69 -1.34 12.10
N GLU A 117 -11.19 -2.56 12.30
CA GLU A 117 -11.08 -3.11 13.64
C GLU A 117 -9.98 -2.41 14.42
N ALA A 118 -8.84 -2.20 13.77
CA ALA A 118 -7.72 -1.52 14.40
C ALA A 118 -8.22 -0.29 15.14
N LEU A 119 -9.07 0.49 14.48
CA LEU A 119 -9.62 1.68 15.10
C LEU A 119 -10.05 1.47 16.54
N LYS A 120 -10.70 0.33 16.82
CA LYS A 120 -11.16 0.02 18.16
C LYS A 120 -10.05 -0.08 19.18
N GLU A 121 -8.81 0.07 18.72
CA GLU A 121 -7.67 0.03 19.62
C GLU A 121 -7.60 1.39 20.28
N TYR A 122 -8.34 2.35 19.73
CA TYR A 122 -8.34 3.74 20.25
C TYR A 122 -9.58 4.12 21.05
N GLU A 123 -10.25 3.12 21.61
CA GLU A 123 -11.43 3.39 22.42
C GLU A 123 -11.16 2.92 23.83
N PRO A 124 -11.09 3.85 24.78
CA PRO A 124 -10.85 3.46 26.17
C PRO A 124 -12.01 2.61 26.67
N GLU A 125 -11.76 1.71 27.63
CA GLU A 125 -12.82 0.87 28.16
C GLU A 125 -13.64 1.62 29.19
N MET A 126 -12.99 2.52 29.92
CA MET A 126 -13.67 3.30 30.95
C MET A 126 -13.45 4.79 30.75
N GLY A 127 -14.34 5.58 31.34
CA GLY A 127 -14.26 7.02 31.28
C GLY A 127 -14.76 7.62 32.60
N LYS A 128 -14.49 8.89 32.85
CA LYS A 128 -14.94 9.54 34.09
C LYS A 128 -15.97 10.65 33.83
N VAL A 129 -17.12 10.55 34.50
CA VAL A 129 -18.19 11.52 34.33
C VAL A 129 -18.74 12.09 35.63
N TYR A 130 -19.49 13.16 35.50
CA TYR A 130 -20.14 13.81 36.62
C TYR A 130 -21.62 13.88 36.33
N ARG A 131 -22.38 13.07 37.06
CA ARG A 131 -23.82 13.03 36.88
C ARG A 131 -24.58 13.42 38.15
N ALA A 132 -25.79 13.92 37.95
CA ALA A 132 -26.65 14.36 39.04
C ALA A 132 -26.83 13.32 40.17
N ASP A 133 -26.88 12.05 39.80
CA ASP A 133 -27.08 10.97 40.76
C ASP A 133 -26.00 10.76 41.82
N ARG A 134 -24.95 11.56 41.76
CA ARG A 134 -23.85 11.47 42.74
C ARG A 134 -23.03 12.74 42.78
N LYS A 135 -22.49 13.01 43.97
CA LYS A 135 -21.70 14.21 44.22
C LYS A 135 -20.29 14.10 43.68
N SER A 136 -19.66 12.95 43.89
CA SER A 136 -18.29 12.73 43.42
C SER A 136 -18.27 12.14 42.02
N VAL A 137 -17.09 12.14 41.40
CA VAL A 137 -16.92 11.61 40.04
C VAL A 137 -17.08 10.08 39.95
N GLN A 138 -17.69 9.63 38.85
CA GLN A 138 -17.93 8.21 38.61
C GLN A 138 -17.22 7.70 37.36
N ARG A 139 -16.56 6.56 37.53
CA ARG A 139 -15.81 5.91 36.46
C ARG A 139 -16.65 4.84 35.76
N ILE A 140 -17.37 5.25 34.71
CA ILE A 140 -18.20 4.32 33.97
C ILE A 140 -17.54 3.75 32.72
N LYS A 141 -18.30 2.97 31.96
CA LYS A 141 -17.79 2.36 30.75
C LYS A 141 -17.98 3.29 29.55
N ALA A 142 -16.86 3.68 28.92
CA ALA A 142 -16.86 4.57 27.77
C ALA A 142 -18.13 4.46 26.92
N ARG A 143 -18.49 3.22 26.61
CA ARG A 143 -19.67 2.92 25.79
C ARG A 143 -20.95 3.61 26.27
N ASP A 144 -21.02 3.91 27.56
CA ASP A 144 -22.23 4.53 28.13
C ASP A 144 -22.19 6.03 28.23
N ILE A 145 -21.10 6.66 27.80
CA ILE A 145 -21.06 8.11 27.86
C ILE A 145 -22.01 8.63 26.79
N VAL A 146 -22.63 9.77 27.05
CA VAL A 146 -23.59 10.32 26.13
C VAL A 146 -23.31 11.77 25.76
N PRO A 147 -23.76 12.20 24.58
CA PRO A 147 -23.51 13.59 24.22
C PRO A 147 -24.19 14.49 25.25
N GLY A 148 -23.42 15.35 25.89
CA GLY A 148 -24.01 16.25 26.85
C GLY A 148 -23.42 16.10 28.23
N ASP A 149 -23.40 14.89 28.77
CA ASP A 149 -22.91 14.78 30.12
C ASP A 149 -21.47 15.20 30.28
N ILE A 150 -21.20 15.69 31.50
CA ILE A 150 -19.93 16.23 31.91
C ILE A 150 -18.88 15.17 32.13
N VAL A 151 -17.69 15.43 31.61
CA VAL A 151 -16.61 14.50 31.76
C VAL A 151 -15.32 15.21 32.07
N GLU A 152 -14.50 14.57 32.91
CA GLU A 152 -13.21 15.11 33.28
C GLU A 152 -12.17 14.10 32.84
N VAL A 153 -11.07 14.60 32.29
CA VAL A 153 -9.98 13.76 31.80
C VAL A 153 -8.66 14.30 32.32
N ALA A 154 -7.71 13.41 32.55
CA ALA A 154 -6.40 13.83 33.05
C ALA A 154 -5.26 13.08 32.37
N VAL A 155 -4.03 13.31 32.84
CA VAL A 155 -2.88 12.65 32.26
C VAL A 155 -3.04 11.13 32.14
N GLY A 156 -2.45 10.56 31.10
CA GLY A 156 -2.54 9.12 30.88
C GLY A 156 -3.80 8.72 30.13
N ASP A 157 -4.93 9.30 30.56
CA ASP A 157 -6.26 9.06 29.97
C ASP A 157 -6.31 9.15 28.45
N LYS A 158 -7.02 8.21 27.85
CA LYS A 158 -7.21 8.21 26.41
C LYS A 158 -8.60 8.84 26.28
N VAL A 159 -8.75 9.86 25.45
CA VAL A 159 -10.05 10.51 25.30
C VAL A 159 -11.15 9.56 24.81
N PRO A 160 -12.31 9.57 25.49
CA PRO A 160 -13.47 8.73 25.17
C PRO A 160 -14.38 9.23 24.06
N ALA A 161 -14.83 10.47 24.18
CA ALA A 161 -15.73 11.01 23.18
C ALA A 161 -15.14 12.28 22.64
N ASP A 162 -15.82 12.92 21.69
CA ASP A 162 -15.31 14.18 21.19
C ASP A 162 -15.87 15.20 22.16
N ILE A 163 -14.96 15.83 22.90
CA ILE A 163 -15.31 16.76 23.95
C ILE A 163 -14.96 18.24 23.73
N ARG A 164 -15.89 19.11 24.10
CA ARG A 164 -15.67 20.55 24.05
C ARG A 164 -15.17 20.88 25.46
N ILE A 165 -14.05 21.58 25.57
CA ILE A 165 -13.49 21.87 26.88
C ILE A 165 -14.20 23.01 27.58
N LEU A 166 -14.63 22.77 28.82
CA LEU A 166 -15.33 23.76 29.63
C LEU A 166 -14.41 24.61 30.50
N SER A 167 -13.51 23.95 31.24
CA SER A 167 -12.57 24.66 32.10
C SER A 167 -11.38 23.77 32.43
N ILE A 168 -10.18 24.35 32.32
CA ILE A 168 -8.94 23.63 32.58
C ILE A 168 -8.60 23.69 34.07
N LYS A 169 -8.71 22.56 34.76
CA LYS A 169 -8.44 22.46 36.20
C LYS A 169 -6.96 22.55 36.55
N SER A 170 -6.11 22.61 35.53
CA SER A 170 -4.67 22.69 35.73
C SER A 170 -4.12 23.98 35.14
N THR A 171 -2.83 24.20 35.33
CA THR A 171 -2.19 25.40 34.82
C THR A 171 -2.12 25.38 33.30
N THR A 172 -1.94 24.18 32.74
CA THR A 172 -1.85 24.00 31.30
C THR A 172 -2.39 22.63 30.89
N LEU A 173 -2.90 22.54 29.66
CA LEU A 173 -3.42 21.26 29.14
C LEU A 173 -2.78 20.90 27.80
N ARG A 174 -2.04 19.79 27.80
CA ARG A 174 -1.34 19.29 26.61
C ARG A 174 -1.98 17.99 26.12
N VAL A 175 -2.11 17.85 24.81
CA VAL A 175 -2.71 16.63 24.22
C VAL A 175 -1.89 16.05 23.09
N ASP A 176 -1.96 14.73 22.95
CA ASP A 176 -1.25 14.04 21.88
C ASP A 176 -2.20 13.65 20.74
N GLN A 177 -2.34 14.55 19.76
CA GLN A 177 -3.22 14.34 18.61
C GLN A 177 -2.46 13.71 17.45
N SER A 178 -1.19 13.44 17.68
CA SER A 178 -0.34 12.82 16.68
C SER A 178 -1.20 12.05 15.66
N ILE A 179 -1.80 10.94 16.12
CA ILE A 179 -2.60 10.10 15.25
C ILE A 179 -3.65 10.79 14.40
N LEU A 180 -4.46 11.63 15.01
CA LEU A 180 -5.51 12.24 14.22
C LEU A 180 -5.19 13.43 13.36
N THR A 181 -4.10 14.14 13.66
CA THR A 181 -3.72 15.31 12.87
C THR A 181 -2.31 15.20 12.33
N GLY A 182 -1.45 14.50 13.05
CA GLY A 182 -0.08 14.35 12.60
C GLY A 182 0.86 15.42 13.11
N GLU A 183 0.76 15.68 14.41
CA GLU A 183 1.61 16.65 15.09
C GLU A 183 2.22 15.82 16.20
N SER A 184 3.49 15.46 16.04
CA SER A 184 4.18 14.62 17.03
C SER A 184 4.18 15.21 18.43
N VAL A 185 4.41 16.52 18.51
CA VAL A 185 4.45 17.20 19.80
C VAL A 185 3.06 17.49 20.35
N SER A 186 2.92 17.35 21.67
CA SER A 186 1.67 17.60 22.34
C SER A 186 1.30 19.07 22.17
N VAL A 187 0.05 19.36 21.81
CA VAL A 187 -0.36 20.75 21.65
C VAL A 187 -1.08 21.26 22.89
N ILE A 188 -1.29 22.59 22.93
CA ILE A 188 -1.96 23.25 24.05
C ILE A 188 -3.42 23.56 23.71
N LYS A 189 -4.31 23.31 24.66
CA LYS A 189 -5.74 23.57 24.46
C LYS A 189 -6.22 24.76 25.29
N HIS A 190 -7.26 25.44 24.81
CA HIS A 190 -7.83 26.57 25.51
C HIS A 190 -9.33 26.41 25.62
N THR A 191 -10.04 27.39 26.16
CA THR A 191 -11.48 27.23 26.32
C THR A 191 -12.30 28.10 25.39
N GLU A 192 -11.70 29.21 24.99
CA GLU A 192 -12.36 30.14 24.11
C GLU A 192 -12.73 29.47 22.79
N PRO A 193 -13.92 29.78 22.25
CA PRO A 193 -14.43 29.23 21.01
C PRO A 193 -13.60 29.63 19.81
N VAL A 194 -13.77 28.88 18.73
CA VAL A 194 -13.07 29.14 17.48
C VAL A 194 -14.16 29.62 16.54
N PRO A 195 -14.04 30.87 16.05
CA PRO A 195 -15.00 31.49 15.13
C PRO A 195 -15.46 30.63 13.96
N ASP A 196 -14.52 30.35 13.04
CA ASP A 196 -14.81 29.55 11.85
C ASP A 196 -15.57 28.24 12.17
N PRO A 197 -16.68 27.99 11.45
CA PRO A 197 -17.48 26.77 11.66
C PRO A 197 -17.04 25.61 10.80
N ARG A 198 -16.25 25.90 9.77
CA ARG A 198 -15.75 24.87 8.86
C ARG A 198 -14.27 24.61 9.10
N ALA A 199 -13.80 24.86 10.32
CA ALA A 199 -12.40 24.68 10.67
C ALA A 199 -11.92 23.23 10.62
N VAL A 200 -10.63 23.07 10.35
CA VAL A 200 -10.03 21.75 10.31
C VAL A 200 -9.72 21.41 11.76
N ASN A 201 -9.59 20.13 12.07
CA ASN A 201 -9.30 19.72 13.43
C ASN A 201 -8.09 20.40 14.04
N GLN A 202 -6.99 20.44 13.29
CA GLN A 202 -5.79 21.02 13.84
C GLN A 202 -6.01 22.38 14.52
N ASP A 203 -6.91 23.19 13.97
CA ASP A 203 -7.18 24.49 14.55
C ASP A 203 -8.26 24.55 15.62
N LYS A 204 -8.96 23.45 15.85
CA LYS A 204 -9.97 23.44 16.89
C LYS A 204 -9.16 23.29 18.17
N LYS A 205 -8.81 24.41 18.80
CA LYS A 205 -7.99 24.38 19.99
C LYS A 205 -8.75 24.07 21.27
N ASN A 206 -10.06 24.23 21.24
CA ASN A 206 -10.90 23.96 22.41
C ASN A 206 -11.53 22.58 22.31
N MET A 207 -10.93 21.72 21.50
CA MET A 207 -11.49 20.39 21.26
C MET A 207 -10.66 19.17 21.66
N LEU A 208 -11.34 18.17 22.23
CA LEU A 208 -10.69 16.92 22.63
C LEU A 208 -11.21 15.81 21.74
N PHE A 209 -10.35 15.25 20.88
CA PHE A 209 -10.77 14.19 19.97
C PHE A 209 -10.65 12.81 20.61
N SER A 210 -11.69 12.00 20.47
CA SER A 210 -11.68 10.67 21.05
C SER A 210 -10.58 9.76 20.51
N GLY A 211 -9.80 9.17 21.42
CA GLY A 211 -8.73 8.28 20.98
C GLY A 211 -7.36 8.87 21.24
N THR A 212 -7.28 10.19 21.25
CA THR A 212 -6.01 10.84 21.52
C THR A 212 -5.76 10.79 23.00
N ASN A 213 -4.50 10.97 23.39
CA ASN A 213 -4.10 10.89 24.78
C ASN A 213 -3.78 12.23 25.39
N ILE A 214 -4.04 12.35 26.69
CA ILE A 214 -3.77 13.59 27.39
C ILE A 214 -2.36 13.51 27.94
N ALA A 215 -1.46 14.28 27.34
CA ALA A 215 -0.04 14.33 27.71
C ALA A 215 0.23 14.91 29.10
N ALA A 216 -0.36 16.08 29.36
CA ALA A 216 -0.18 16.77 30.62
C ALA A 216 -1.41 17.58 31.05
N GLY A 217 -1.74 17.50 32.33
CA GLY A 217 -2.85 18.27 32.83
C GLY A 217 -4.08 17.50 33.20
N LYS A 218 -5.12 18.28 33.53
CA LYS A 218 -6.44 17.78 33.91
C LYS A 218 -7.43 18.86 33.48
N ALA A 219 -8.57 18.45 32.94
CA ALA A 219 -9.57 19.41 32.49
C ALA A 219 -10.98 18.81 32.56
N LEU A 220 -11.97 19.67 32.35
CA LEU A 220 -13.36 19.25 32.39
C LEU A 220 -14.03 19.62 31.08
N GLY A 221 -15.01 18.82 30.65
CA GLY A 221 -15.70 19.13 29.41
C GLY A 221 -17.05 18.51 29.18
N ILE A 222 -17.75 19.06 28.20
CA ILE A 222 -19.07 18.59 27.80
C ILE A 222 -18.93 17.84 26.47
N VAL A 223 -19.43 16.62 26.43
CA VAL A 223 -19.34 15.78 25.25
C VAL A 223 -20.08 16.29 24.02
N ALA A 224 -19.32 16.68 23.00
CA ALA A 224 -19.90 17.18 21.75
C ALA A 224 -20.65 16.07 21.03
N THR A 225 -19.92 15.06 20.56
CA THR A 225 -20.50 13.92 19.85
C THR A 225 -19.89 12.63 20.40
N THR A 226 -20.57 11.51 20.16
CA THR A 226 -20.08 10.22 20.62
C THR A 226 -20.19 9.27 19.44
N GLY A 227 -19.78 8.02 19.64
CA GLY A 227 -19.87 7.02 18.59
C GLY A 227 -19.33 7.32 17.20
N VAL A 228 -20.16 7.01 16.21
CA VAL A 228 -19.80 7.19 14.81
C VAL A 228 -19.83 8.63 14.37
N SER A 229 -20.27 9.50 15.27
CA SER A 229 -20.37 10.93 15.00
C SER A 229 -19.10 11.69 15.34
N THR A 230 -18.19 11.07 16.09
CA THR A 230 -16.93 11.72 16.46
C THR A 230 -15.98 11.77 15.26
N GLU A 231 -14.90 12.53 15.39
CA GLU A 231 -13.92 12.65 14.29
C GLU A 231 -13.43 11.31 13.76
N ILE A 232 -13.24 10.37 14.68
CA ILE A 232 -12.75 9.06 14.31
C ILE A 232 -13.88 8.23 13.67
N GLY A 233 -15.10 8.43 14.17
CA GLY A 233 -16.25 7.72 13.63
C GLY A 233 -16.50 8.14 12.20
N LYS A 234 -16.26 9.40 11.90
CA LYS A 234 -16.45 9.88 10.54
C LYS A 234 -15.46 9.14 9.63
N ILE A 235 -14.30 8.78 10.18
CA ILE A 235 -13.31 8.06 9.40
C ILE A 235 -13.73 6.61 9.24
N ARG A 236 -14.25 6.03 10.31
CA ARG A 236 -14.69 4.65 10.22
C ARG A 236 -15.68 4.49 9.08
N ASP A 237 -16.53 5.49 8.90
CA ASP A 237 -17.53 5.40 7.85
C ASP A 237 -16.98 5.54 6.45
N GLN A 238 -16.06 6.47 6.24
CA GLN A 238 -15.47 6.63 4.91
C GLN A 238 -14.82 5.31 4.51
N MET A 239 -14.19 4.65 5.48
CA MET A 239 -13.53 3.38 5.25
C MET A 239 -14.51 2.23 5.01
N ALA A 240 -15.60 2.21 5.77
CA ALA A 240 -16.58 1.14 5.64
C ALA A 240 -17.38 1.32 4.36
N ALA A 241 -17.45 2.56 3.89
CA ALA A 241 -18.19 2.87 2.67
C ALA A 241 -17.29 2.65 1.48
N THR A 242 -15.98 2.57 1.74
CA THR A 242 -15.03 2.36 0.65
C THR A 242 -15.00 0.90 0.21
N GLU A 243 -15.23 0.69 -1.09
CA GLU A 243 -15.24 -0.64 -1.69
C GLU A 243 -14.07 -0.78 -2.66
N GLN A 244 -13.30 -1.86 -2.49
CA GLN A 244 -12.12 -2.13 -3.30
C GLN A 244 -12.27 -3.18 -4.45
N ASP A 245 -11.90 -2.76 -5.67
CA ASP A 245 -11.96 -3.62 -6.86
C ASP A 245 -11.02 -4.83 -6.74
N LYS A 246 -11.23 -5.84 -7.58
CA LYS A 246 -10.37 -7.03 -7.54
C LYS A 246 -9.17 -6.86 -8.47
N THR A 247 -8.07 -7.49 -8.09
CA THR A 247 -6.85 -7.45 -8.89
C THR A 247 -7.29 -7.77 -10.31
N PRO A 248 -6.74 -7.07 -11.30
CA PRO A 248 -7.09 -7.30 -12.71
C PRO A 248 -6.94 -8.77 -13.12
N LEU A 249 -6.00 -9.44 -12.46
CA LEU A 249 -5.74 -10.85 -12.71
C LEU A 249 -6.86 -11.66 -12.03
N GLN A 250 -7.35 -11.15 -10.90
CA GLN A 250 -8.45 -11.78 -10.18
C GLN A 250 -9.68 -11.61 -11.05
N GLN A 251 -9.78 -10.47 -11.73
CA GLN A 251 -10.90 -10.23 -12.59
C GLN A 251 -10.82 -11.22 -13.72
N LYS A 252 -9.66 -11.25 -14.39
CA LYS A 252 -9.44 -12.16 -15.51
C LYS A 252 -9.78 -13.60 -15.14
N LEU A 253 -9.58 -13.97 -13.88
CA LEU A 253 -9.88 -15.32 -13.45
C LEU A 253 -11.39 -15.56 -13.38
N ASP A 254 -12.16 -14.53 -13.12
CA ASP A 254 -13.60 -14.70 -13.09
C ASP A 254 -14.08 -14.68 -14.53
N GLU A 255 -13.40 -13.87 -15.33
CA GLU A 255 -13.70 -13.74 -16.75
C GLU A 255 -13.51 -15.11 -17.42
N PHE A 256 -12.38 -15.74 -17.14
CA PHE A 256 -12.04 -17.05 -17.68
C PHE A 256 -12.98 -18.14 -17.18
N GLY A 257 -13.49 -17.96 -15.96
CA GLY A 257 -14.40 -18.94 -15.41
C GLY A 257 -15.66 -19.00 -16.24
N GLU A 258 -16.35 -17.85 -16.33
CA GLU A 258 -17.59 -17.74 -17.10
C GLU A 258 -17.43 -18.34 -18.48
N GLN A 259 -16.38 -17.92 -19.18
CA GLN A 259 -16.09 -18.41 -20.52
C GLN A 259 -15.88 -19.92 -20.61
N LEU A 260 -14.94 -20.46 -19.83
CA LEU A 260 -14.68 -21.89 -19.87
C LEU A 260 -16.02 -22.60 -19.79
N SER A 261 -16.83 -22.18 -18.84
CA SER A 261 -18.17 -22.74 -18.63
C SER A 261 -18.98 -22.80 -19.94
N LYS A 262 -18.94 -21.74 -20.74
CA LYS A 262 -19.66 -21.73 -22.00
C LYS A 262 -19.09 -22.80 -22.94
N VAL A 263 -17.82 -22.64 -23.31
CA VAL A 263 -17.14 -23.59 -24.19
C VAL A 263 -17.45 -25.05 -23.86
N ILE A 264 -17.12 -25.46 -22.65
CA ILE A 264 -17.36 -26.84 -22.24
C ILE A 264 -18.75 -27.28 -22.67
N SER A 265 -19.73 -26.44 -22.34
CA SER A 265 -21.13 -26.68 -22.68
C SER A 265 -21.32 -26.87 -24.19
N LEU A 266 -20.77 -25.95 -24.99
CA LEU A 266 -20.85 -26.05 -26.44
C LEU A 266 -20.21 -27.37 -26.90
N ILE A 267 -19.07 -27.72 -26.31
CA ILE A 267 -18.37 -28.96 -26.65
C ILE A 267 -19.35 -30.11 -26.49
N CYS A 268 -20.05 -30.16 -25.36
CA CYS A 268 -21.03 -31.22 -25.13
C CYS A 268 -22.02 -31.29 -26.28
N VAL A 269 -22.68 -30.17 -26.57
CA VAL A 269 -23.64 -30.14 -27.66
C VAL A 269 -23.00 -30.64 -28.97
N ALA A 270 -21.78 -30.19 -29.24
CA ALA A 270 -21.06 -30.60 -30.45
C ALA A 270 -20.90 -32.12 -30.40
N VAL A 271 -20.29 -32.61 -29.33
CA VAL A 271 -20.05 -34.04 -29.16
C VAL A 271 -21.32 -34.84 -29.37
N TRP A 272 -22.41 -34.36 -28.81
CA TRP A 272 -23.69 -35.03 -28.97
C TRP A 272 -24.08 -34.98 -30.45
N LEU A 273 -24.02 -33.79 -31.05
CA LEU A 273 -24.34 -33.63 -32.45
C LEU A 273 -23.53 -34.59 -33.32
N ILE A 274 -22.25 -34.76 -33.01
CA ILE A 274 -21.42 -35.65 -33.81
C ILE A 274 -22.02 -37.05 -33.78
N ASN A 275 -22.09 -37.65 -32.60
CA ASN A 275 -22.65 -38.98 -32.46
C ASN A 275 -24.16 -38.97 -32.58
N ILE A 276 -24.65 -38.25 -33.58
CA ILE A 276 -26.09 -38.13 -33.83
C ILE A 276 -26.64 -39.34 -34.57
N GLY A 277 -25.79 -39.96 -35.40
CA GLY A 277 -26.21 -41.12 -36.16
C GLY A 277 -26.71 -42.21 -35.24
N HIS A 278 -26.37 -42.11 -33.97
CA HIS A 278 -26.81 -43.09 -32.98
C HIS A 278 -28.34 -43.11 -32.89
N PHE A 279 -29.00 -42.11 -33.48
CA PHE A 279 -30.45 -42.06 -33.49
C PHE A 279 -30.96 -42.96 -34.60
N ASN A 280 -30.01 -43.57 -35.30
CA ASN A 280 -30.32 -44.49 -36.37
C ASN A 280 -29.74 -45.85 -36.05
N ASP A 281 -29.87 -46.28 -34.79
CA ASP A 281 -29.36 -47.58 -34.36
C ASP A 281 -30.52 -48.50 -34.04
N PRO A 282 -30.26 -49.82 -34.04
CA PRO A 282 -31.35 -50.73 -33.72
C PRO A 282 -31.85 -50.37 -32.31
N VAL A 283 -33.17 -50.35 -32.13
CA VAL A 283 -33.75 -50.02 -30.83
C VAL A 283 -33.81 -51.21 -29.87
N HIS A 284 -32.85 -51.22 -28.95
CA HIS A 284 -32.71 -52.27 -27.94
C HIS A 284 -31.48 -51.85 -27.09
N GLY A 285 -31.64 -51.88 -25.77
CA GLY A 285 -30.56 -51.50 -24.88
C GLY A 285 -29.31 -52.38 -24.97
N GLY A 286 -28.57 -52.24 -26.07
CA GLY A 286 -27.34 -52.98 -26.24
C GLY A 286 -26.27 -52.08 -25.66
N SER A 287 -26.15 -52.10 -24.33
CA SER A 287 -25.22 -51.28 -23.57
C SER A 287 -25.82 -49.88 -23.41
N TRP A 288 -27.12 -49.82 -23.15
CA TRP A 288 -27.82 -48.57 -22.95
C TRP A 288 -27.23 -47.91 -21.71
N ILE A 289 -26.79 -48.75 -20.79
CA ILE A 289 -26.20 -48.30 -19.54
C ILE A 289 -24.69 -48.16 -19.73
N ARG A 290 -24.12 -49.02 -20.56
CA ARG A 290 -22.69 -48.98 -20.80
C ARG A 290 -22.31 -47.79 -21.69
N GLY A 291 -23.30 -47.15 -22.30
CA GLY A 291 -23.02 -46.00 -23.14
C GLY A 291 -23.11 -44.70 -22.35
N ALA A 292 -24.05 -44.66 -21.41
CA ALA A 292 -24.23 -43.47 -20.59
C ALA A 292 -23.10 -43.38 -19.59
N ILE A 293 -22.66 -44.54 -19.07
CA ILE A 293 -21.57 -44.55 -18.12
C ILE A 293 -20.39 -43.94 -18.84
N TYR A 294 -20.24 -44.33 -20.09
CA TYR A 294 -19.16 -43.83 -20.95
C TYR A 294 -19.11 -42.31 -21.02
N TYR A 295 -20.19 -41.68 -21.48
CA TYR A 295 -20.19 -40.24 -21.58
C TYR A 295 -19.97 -39.55 -20.24
N PHE A 296 -20.68 -39.99 -19.21
CA PHE A 296 -20.50 -39.37 -17.90
C PHE A 296 -19.04 -39.38 -17.46
N LYS A 297 -18.31 -40.46 -17.75
CA LYS A 297 -16.90 -40.52 -17.36
C LYS A 297 -16.00 -39.77 -18.31
N ILE A 298 -16.62 -39.20 -19.34
CA ILE A 298 -15.90 -38.38 -20.29
C ILE A 298 -16.19 -36.96 -19.84
N ALA A 299 -17.38 -36.78 -19.27
CA ALA A 299 -17.79 -35.49 -18.75
C ALA A 299 -16.81 -35.13 -17.66
N VAL A 300 -16.69 -35.98 -16.64
CA VAL A 300 -15.75 -35.72 -15.54
C VAL A 300 -14.33 -35.48 -16.05
N ALA A 301 -13.89 -36.26 -17.05
CA ALA A 301 -12.56 -36.08 -17.61
C ALA A 301 -12.48 -34.71 -18.26
N LEU A 302 -13.44 -34.41 -19.13
CA LEU A 302 -13.49 -33.11 -19.81
C LEU A 302 -13.34 -31.95 -18.84
N ALA A 303 -13.91 -32.10 -17.65
CA ALA A 303 -13.83 -31.04 -16.66
C ALA A 303 -12.42 -30.88 -16.11
N VAL A 304 -11.81 -31.94 -15.59
CA VAL A 304 -10.47 -31.79 -15.03
C VAL A 304 -9.46 -31.41 -16.12
N ALA A 305 -9.87 -31.53 -17.37
CA ALA A 305 -8.99 -31.19 -18.49
C ALA A 305 -9.04 -29.70 -18.81
N ALA A 306 -10.19 -29.07 -18.58
CA ALA A 306 -10.35 -27.64 -18.87
C ALA A 306 -9.91 -26.71 -17.76
N ILE A 307 -9.97 -27.17 -16.51
CA ILE A 307 -9.56 -26.34 -15.37
C ILE A 307 -8.11 -26.53 -14.95
N PRO A 308 -7.36 -25.44 -14.78
CA PRO A 308 -5.96 -25.52 -14.38
C PRO A 308 -5.90 -25.65 -12.85
N GLU A 309 -6.11 -26.85 -12.33
CA GLU A 309 -6.10 -27.03 -10.88
C GLU A 309 -4.84 -26.62 -10.12
N GLY A 310 -3.73 -26.41 -10.80
CA GLY A 310 -2.53 -26.03 -10.07
C GLY A 310 -2.11 -24.59 -10.23
N LEU A 311 -2.81 -23.85 -11.09
CA LEU A 311 -2.49 -22.45 -11.36
C LEU A 311 -2.53 -21.53 -10.14
N PRO A 312 -3.61 -21.60 -9.35
CA PRO A 312 -3.71 -20.74 -8.16
C PRO A 312 -2.63 -21.16 -7.16
N ALA A 313 -2.28 -22.43 -7.19
CA ALA A 313 -1.23 -22.90 -6.30
C ALA A 313 0.08 -22.25 -6.73
N VAL A 314 0.31 -22.20 -8.03
CA VAL A 314 1.54 -21.63 -8.58
C VAL A 314 1.63 -20.14 -8.41
N ILE A 315 0.53 -19.43 -8.71
CA ILE A 315 0.54 -17.98 -8.56
C ILE A 315 0.81 -17.64 -7.10
N THR A 316 0.02 -18.20 -6.19
CA THR A 316 0.23 -17.93 -4.77
C THR A 316 1.68 -18.17 -4.35
N THR A 317 2.32 -19.19 -4.89
CA THR A 317 3.69 -19.42 -4.48
C THR A 317 4.67 -18.49 -5.17
N CYS A 318 4.33 -17.98 -6.35
CA CYS A 318 5.24 -17.06 -7.01
C CYS A 318 5.17 -15.71 -6.32
N LEU A 319 3.96 -15.37 -5.87
CA LEU A 319 3.75 -14.11 -5.17
C LEU A 319 4.48 -14.15 -3.82
N ALA A 320 4.27 -15.23 -3.05
CA ALA A 320 4.93 -15.36 -1.76
C ALA A 320 6.45 -15.25 -1.91
N LEU A 321 6.98 -15.82 -2.98
CA LEU A 321 8.42 -15.76 -3.17
C LEU A 321 8.90 -14.34 -3.42
N GLY A 322 8.39 -13.71 -4.47
CA GLY A 322 8.81 -12.34 -4.74
C GLY A 322 8.61 -11.44 -3.52
N THR A 323 7.56 -11.73 -2.76
CA THR A 323 7.25 -10.97 -1.56
C THR A 323 8.44 -10.93 -0.63
N ARG A 324 8.96 -12.10 -0.28
CA ARG A 324 10.12 -12.15 0.59
C ARG A 324 11.24 -11.36 -0.09
N ARG A 325 11.39 -11.58 -1.39
CA ARG A 325 12.43 -10.91 -2.17
C ARG A 325 12.37 -9.41 -1.97
N MET A 326 11.16 -8.89 -1.75
CA MET A 326 11.00 -7.45 -1.56
C MET A 326 11.29 -7.06 -0.13
N ALA A 327 10.86 -7.90 0.81
CA ALA A 327 11.09 -7.64 2.23
C ALA A 327 12.56 -7.29 2.44
N LYS A 328 13.44 -8.02 1.77
CA LYS A 328 14.84 -7.72 1.92
C LYS A 328 15.10 -6.26 1.52
N LYS A 329 14.27 -5.73 0.62
CA LYS A 329 14.43 -4.37 0.15
C LYS A 329 13.46 -3.38 0.82
N ASN A 330 13.19 -3.60 2.10
CA ASN A 330 12.32 -2.73 2.87
C ASN A 330 10.92 -2.45 2.35
N ALA A 331 10.42 -3.30 1.48
CA ALA A 331 9.07 -3.15 0.93
C ALA A 331 8.25 -4.33 1.47
N ILE A 332 7.41 -4.06 2.46
CA ILE A 332 6.64 -5.11 3.07
C ILE A 332 5.21 -5.23 2.52
N VAL A 333 5.04 -6.18 1.60
CA VAL A 333 3.75 -6.40 0.98
C VAL A 333 2.78 -7.18 1.85
N ARG A 334 1.69 -6.53 2.24
CA ARG A 334 0.69 -7.16 3.09
C ARG A 334 -0.23 -8.11 2.32
N SER A 335 -0.71 -7.72 1.13
CA SER A 335 -1.58 -8.63 0.36
C SER A 335 -0.86 -9.08 -0.92
N LEU A 336 -0.71 -10.40 -1.07
CA LEU A 336 0.00 -10.95 -2.23
C LEU A 336 -0.60 -10.55 -3.57
N PRO A 337 -1.92 -10.67 -3.72
CA PRO A 337 -2.57 -10.32 -4.98
C PRO A 337 -2.11 -8.96 -5.51
N SER A 338 -1.72 -8.08 -4.61
CA SER A 338 -1.29 -6.73 -4.95
C SER A 338 0.03 -6.56 -5.68
N VAL A 339 0.95 -7.48 -5.46
CA VAL A 339 2.23 -7.37 -6.11
C VAL A 339 2.00 -7.12 -7.61
N GLU A 340 0.79 -7.39 -8.08
CA GLU A 340 0.46 -7.18 -9.48
C GLU A 340 -0.03 -5.76 -9.71
N THR A 341 -1.12 -5.40 -9.02
CA THR A 341 -1.68 -4.05 -9.16
C THR A 341 -0.56 -3.05 -8.95
N LEU A 342 0.38 -3.37 -8.06
CA LEU A 342 1.51 -2.48 -7.78
C LEU A 342 2.24 -2.22 -9.08
N GLY A 343 2.51 -3.31 -9.81
CA GLY A 343 3.22 -3.24 -11.07
C GLY A 343 2.59 -2.31 -12.08
N CYS A 344 1.29 -2.06 -11.94
CA CYS A 344 0.60 -1.19 -12.88
C CYS A 344 0.41 0.25 -12.42
N THR A 345 1.06 0.65 -11.33
CA THR A 345 0.91 2.02 -10.85
C THR A 345 1.26 3.03 -11.93
N SER A 346 0.35 3.97 -12.18
CA SER A 346 0.60 5.00 -13.16
C SER A 346 0.83 6.37 -12.46
N VAL A 347 0.33 6.50 -11.22
CA VAL A 347 0.52 7.73 -10.44
C VAL A 347 0.90 7.42 -8.99
N ILE A 348 2.00 8.02 -8.50
CA ILE A 348 2.44 7.85 -7.11
C ILE A 348 2.37 9.19 -6.35
N CYS A 349 1.53 9.24 -5.32
CA CYS A 349 1.39 10.43 -4.48
C CYS A 349 2.14 10.19 -3.19
N SER A 350 3.21 10.93 -2.97
CA SER A 350 3.99 10.73 -1.76
C SER A 350 3.97 11.95 -0.85
N ASP A 351 3.99 11.69 0.45
CA ASP A 351 4.07 12.78 1.40
C ASP A 351 5.54 13.20 1.22
N LYS A 352 5.86 14.45 1.54
CA LYS A 352 7.23 14.89 1.39
C LYS A 352 8.15 14.52 2.56
N THR A 353 8.08 15.31 3.61
CA THR A 353 8.96 15.13 4.76
C THR A 353 9.58 13.79 5.09
N GLY A 354 8.88 12.96 5.83
CA GLY A 354 9.50 11.68 6.19
C GLY A 354 10.01 10.78 5.07
N THR A 355 9.34 10.85 3.92
CA THR A 355 9.67 9.98 2.81
C THR A 355 10.49 10.58 1.64
N LEU A 356 10.17 11.78 1.19
CA LEU A 356 10.94 12.35 0.09
C LEU A 356 12.22 12.98 0.59
N THR A 357 12.19 13.43 1.83
CA THR A 357 13.36 14.05 2.46
C THR A 357 13.75 13.25 3.68
N THR A 358 14.77 13.72 4.38
CA THR A 358 15.27 13.03 5.57
C THR A 358 14.56 13.50 6.81
N ASN A 359 14.01 14.70 6.73
CA ASN A 359 13.33 15.26 7.89
C ASN A 359 14.38 15.54 8.96
N GLN A 360 15.63 15.62 8.51
CA GLN A 360 16.73 15.91 9.40
C GLN A 360 17.14 17.33 9.11
N MET A 361 16.45 18.25 9.75
CA MET A 361 16.66 19.68 9.58
C MET A 361 18.03 20.19 10.01
N SER A 362 18.42 21.32 9.44
CA SER A 362 19.68 21.96 9.80
C SER A 362 19.76 23.35 9.17
N VAL A 363 20.20 24.34 9.95
CA VAL A 363 20.33 25.70 9.45
C VAL A 363 21.67 25.94 8.79
N CYS A 364 21.64 26.54 7.60
CA CYS A 364 22.88 26.80 6.87
C CYS A 364 23.03 28.19 6.27
N LYS A 365 22.16 29.12 6.69
CA LYS A 365 22.19 30.50 6.23
C LYS A 365 21.50 31.39 7.26
N MET A 366 22.15 32.49 7.61
CA MET A 366 21.61 33.46 8.56
C MET A 366 21.81 34.81 7.91
N PHE A 367 21.17 35.84 8.45
CA PHE A 367 21.34 37.17 7.91
C PHE A 367 20.72 38.18 8.86
N ILE A 368 21.53 39.16 9.25
CA ILE A 368 21.17 40.23 10.16
C ILE A 368 21.51 41.54 9.45
N ILE A 369 20.64 42.55 9.55
CA ILE A 369 20.94 43.82 8.88
C ILE A 369 22.18 44.43 9.47
N ASP A 370 23.00 44.99 8.59
CA ASP A 370 24.28 45.57 8.94
C ASP A 370 24.26 47.10 8.94
N LYS A 371 23.43 47.68 8.09
CA LYS A 371 23.38 49.12 8.03
C LYS A 371 22.20 49.68 7.26
N VAL A 372 21.58 50.71 7.83
CA VAL A 372 20.48 51.39 7.18
C VAL A 372 20.88 52.83 7.25
N ASP A 373 20.97 53.47 6.10
CA ASP A 373 21.36 54.85 6.04
C ASP A 373 20.47 55.49 4.98
N GLY A 374 19.18 55.53 5.27
CA GLY A 374 18.24 56.09 4.33
C GLY A 374 17.79 55.01 3.36
N ASP A 375 18.15 55.19 2.10
CA ASP A 375 17.77 54.20 1.11
C ASP A 375 18.84 53.14 1.04
N PHE A 376 20.06 53.52 1.44
CA PHE A 376 21.19 52.62 1.44
C PHE A 376 20.99 51.58 2.52
N CYS A 377 21.45 50.38 2.23
CA CYS A 377 21.32 49.28 3.18
C CYS A 377 22.23 48.14 2.78
N SER A 378 22.73 47.43 3.79
CA SER A 378 23.61 46.29 3.57
C SER A 378 23.30 45.24 4.63
N LEU A 379 23.11 44.00 4.20
CA LEU A 379 22.82 42.92 5.12
C LEU A 379 24.11 42.24 5.48
N ASN A 380 24.00 41.20 6.28
CA ASN A 380 25.14 40.37 6.71
C ASN A 380 24.78 38.91 6.62
N GLU A 381 24.96 38.35 5.44
CA GLU A 381 24.61 36.94 5.22
C GLU A 381 25.71 36.01 5.75
N PHE A 382 25.31 34.80 6.12
CA PHE A 382 26.25 33.82 6.64
C PHE A 382 25.86 32.40 6.14
N SER A 383 26.71 31.44 6.47
CA SER A 383 26.49 30.05 6.11
C SER A 383 27.00 29.24 7.29
N ILE A 384 26.37 28.11 7.55
CA ILE A 384 26.74 27.29 8.69
C ILE A 384 26.93 25.84 8.26
N THR A 385 28.09 25.28 8.58
CA THR A 385 28.39 23.90 8.20
C THR A 385 27.76 22.81 9.05
N GLY A 386 27.45 21.68 8.42
CA GLY A 386 26.85 20.57 9.15
C GLY A 386 25.39 20.33 8.85
N SER A 387 25.02 19.08 8.61
CA SER A 387 23.65 18.74 8.31
C SER A 387 23.06 18.00 9.51
N THR A 388 23.93 17.39 10.30
CA THR A 388 23.48 16.64 11.46
C THR A 388 23.05 17.55 12.61
N TYR A 389 22.40 16.96 13.62
CA TYR A 389 21.98 17.69 14.80
C TYR A 389 23.16 17.65 15.77
N ALA A 390 24.36 17.56 15.21
CA ALA A 390 25.58 17.49 16.01
C ALA A 390 26.22 18.86 16.17
N PRO A 391 26.57 19.21 17.42
CA PRO A 391 27.19 20.49 17.74
C PRO A 391 28.59 20.65 17.14
N GLU A 392 28.70 20.37 15.85
CA GLU A 392 29.98 20.49 15.18
C GLU A 392 29.80 21.20 13.85
N GLY A 393 30.58 22.25 13.66
CA GLY A 393 30.50 23.02 12.43
C GLY A 393 31.01 24.42 12.68
N GLU A 394 31.03 25.26 11.66
CA GLU A 394 31.53 26.61 11.81
C GLU A 394 30.63 27.60 11.09
N VAL A 395 30.86 28.88 11.35
CA VAL A 395 30.09 29.94 10.73
C VAL A 395 30.99 30.74 9.80
N LEU A 396 30.51 31.02 8.59
CA LEU A 396 31.32 31.73 7.60
C LEU A 396 30.65 32.89 6.89
N LYS A 397 31.44 33.92 6.58
CA LYS A 397 30.96 35.08 5.83
C LYS A 397 31.86 35.03 4.60
N ASN A 398 31.28 34.71 3.45
CA ASN A 398 32.03 34.58 2.21
C ASN A 398 33.01 33.39 2.36
N ASP A 399 32.47 32.26 2.80
CA ASP A 399 33.21 31.02 3.02
C ASP A 399 34.34 31.11 4.03
N LYS A 400 34.55 32.31 4.58
CA LYS A 400 35.61 32.52 5.56
C LYS A 400 35.13 32.34 7.00
N PRO A 401 35.70 31.36 7.71
CA PRO A 401 35.38 31.03 9.10
C PRO A 401 35.35 32.26 10.04
N ILE A 402 34.42 32.26 11.00
CA ILE A 402 34.26 33.38 11.92
C ILE A 402 33.85 32.99 13.34
N ARG A 403 34.28 33.80 14.30
CA ARG A 403 33.90 33.62 15.69
C ARG A 403 32.64 34.50 15.78
N SER A 404 31.50 33.84 15.93
CA SER A 404 30.18 34.47 16.01
C SER A 404 30.08 35.68 16.95
N GLY A 405 30.70 35.57 18.12
CA GLY A 405 30.65 36.64 19.10
C GLY A 405 30.87 38.07 18.61
N GLN A 406 31.83 38.27 17.71
CA GLN A 406 32.16 39.59 17.19
C GLN A 406 31.02 40.44 16.61
N PHE A 407 29.89 39.82 16.32
CA PHE A 407 28.74 40.54 15.78
C PHE A 407 27.67 40.64 16.85
N ASP A 408 27.27 41.86 17.18
CA ASP A 408 26.24 42.05 18.19
C ASP A 408 24.97 41.40 17.69
N GLY A 409 24.56 41.76 16.48
CA GLY A 409 23.36 41.19 15.91
C GLY A 409 23.21 39.70 16.11
N LEU A 410 24.31 38.95 15.93
CA LEU A 410 24.27 37.50 16.08
C LEU A 410 24.06 37.06 17.52
N VAL A 411 24.58 37.83 18.47
CA VAL A 411 24.43 37.50 19.89
C VAL A 411 22.93 37.48 20.26
N GLU A 412 22.18 38.41 19.67
CA GLU A 412 20.75 38.51 19.92
C GLU A 412 20.08 37.33 19.23
N LEU A 413 20.19 37.31 17.90
CA LEU A 413 19.63 36.25 17.07
C LEU A 413 19.75 34.93 17.80
N ALA A 414 20.99 34.57 18.11
CA ALA A 414 21.32 33.34 18.80
C ALA A 414 20.43 33.06 20.01
N THR A 415 20.34 34.00 20.94
CA THR A 415 19.52 33.79 22.13
C THR A 415 18.08 33.41 21.75
N ILE A 416 17.43 34.28 20.97
CA ILE A 416 16.07 34.05 20.52
C ILE A 416 15.87 32.58 20.16
N CYS A 417 16.87 32.01 19.51
CA CYS A 417 16.82 30.62 19.09
C CYS A 417 16.81 29.64 20.24
N ALA A 418 17.57 29.94 21.28
CA ALA A 418 17.60 29.05 22.42
C ALA A 418 16.42 29.28 23.36
N LEU A 419 16.00 30.53 23.51
CA LEU A 419 14.90 30.89 24.42
C LEU A 419 13.50 30.55 23.92
N CYS A 420 13.19 30.96 22.68
CA CYS A 420 11.89 30.69 22.09
C CYS A 420 11.65 29.17 22.00
N ASN A 421 12.63 28.48 21.41
CA ASN A 421 12.62 27.03 21.22
C ASN A 421 12.27 26.15 22.46
N ASP A 422 11.34 25.21 22.29
CA ASP A 422 10.93 24.29 23.37
C ASP A 422 11.74 23.01 23.26
N SER A 423 12.25 22.76 22.07
CA SER A 423 13.03 21.56 21.77
C SER A 423 14.41 21.64 22.37
N SER A 424 15.17 20.55 22.27
CA SER A 424 16.53 20.52 22.81
C SER A 424 17.31 19.35 22.24
N LEU A 425 18.51 19.16 22.78
CA LEU A 425 19.38 18.09 22.33
C LEU A 425 19.78 17.12 23.41
N ASP A 426 20.00 15.89 22.99
CA ASP A 426 20.45 14.84 23.88
C ASP A 426 21.46 14.04 23.10
N PHE A 427 22.34 13.36 23.82
CA PHE A 427 23.33 12.54 23.21
C PHE A 427 23.26 11.18 23.87
N ASN A 428 22.81 10.16 23.14
CA ASN A 428 22.73 8.80 23.68
C ASN A 428 24.08 8.08 23.50
N GLU A 429 24.73 7.73 24.61
CA GLU A 429 26.03 7.09 24.56
C GLU A 429 26.07 5.74 23.83
N THR A 430 24.98 4.96 23.86
CA THR A 430 24.95 3.65 23.19
C THR A 430 25.22 3.71 21.68
N LYS A 431 24.52 4.63 21.00
CA LYS A 431 24.67 4.82 19.55
C LYS A 431 25.76 5.86 19.23
N GLY A 432 26.18 6.60 20.26
CA GLY A 432 27.21 7.60 20.07
C GLY A 432 26.86 8.64 19.01
N VAL A 433 25.64 9.19 19.11
CA VAL A 433 25.20 10.21 18.16
C VAL A 433 24.29 11.21 18.86
N TYR A 434 24.15 12.39 18.26
CA TYR A 434 23.30 13.44 18.81
C TYR A 434 21.89 13.22 18.28
N GLU A 435 20.91 13.32 19.18
CA GLU A 435 19.51 13.11 18.81
C GLU A 435 18.61 14.33 19.01
N LYS A 436 17.62 14.42 18.13
CA LYS A 436 16.62 15.49 18.16
C LYS A 436 15.64 15.22 19.31
N VAL A 437 15.58 16.13 20.28
CA VAL A 437 14.68 15.94 21.41
C VAL A 437 13.26 16.44 21.14
N GLY A 438 13.13 17.70 20.74
CA GLY A 438 11.81 18.25 20.47
C GLY A 438 11.31 18.06 19.04
N GLU A 439 11.10 19.18 18.35
CA GLU A 439 10.65 19.15 16.96
C GLU A 439 11.83 19.42 16.03
N ALA A 440 11.81 18.78 14.87
CA ALA A 440 12.88 18.91 13.90
C ALA A 440 13.34 20.33 13.61
N THR A 441 12.41 21.26 13.41
CA THR A 441 12.82 22.62 13.09
C THR A 441 13.33 23.43 14.26
N GLU A 442 12.88 23.09 15.47
CA GLU A 442 13.35 23.81 16.65
C GLU A 442 14.66 23.20 17.15
N THR A 443 14.69 21.87 17.17
CA THR A 443 15.87 21.15 17.62
C THR A 443 17.04 21.53 16.72
N ALA A 444 16.75 22.16 15.58
CA ALA A 444 17.79 22.56 14.67
C ALA A 444 18.38 23.84 15.25
N LEU A 445 17.49 24.79 15.55
CA LEU A 445 17.91 26.06 16.12
C LEU A 445 18.77 25.75 17.33
N THR A 446 18.48 24.63 17.98
CA THR A 446 19.26 24.22 19.14
C THR A 446 20.71 24.01 18.72
N THR A 447 20.96 23.14 17.74
CA THR A 447 22.34 22.88 17.29
C THR A 447 22.97 24.11 16.65
N LEU A 448 22.16 25.00 16.10
CA LEU A 448 22.71 26.22 15.50
C LEU A 448 23.40 26.98 16.63
N VAL A 449 22.68 27.12 17.74
CA VAL A 449 23.20 27.80 18.91
C VAL A 449 24.56 27.19 19.26
N GLU A 450 24.56 25.89 19.57
CA GLU A 450 25.79 25.20 19.91
C GLU A 450 26.94 25.53 18.97
N LYS A 451 26.70 25.43 17.66
CA LYS A 451 27.75 25.68 16.69
C LYS A 451 28.27 27.12 16.61
N MET A 452 27.56 28.06 17.23
CA MET A 452 27.98 29.47 17.19
C MET A 452 28.06 30.18 18.55
N ASN A 453 28.26 29.44 19.64
CA ASN A 453 28.31 30.02 20.99
C ASN A 453 28.92 31.41 21.02
N VAL A 454 28.04 32.41 20.94
CA VAL A 454 28.40 33.81 20.91
C VAL A 454 29.44 34.30 21.90
N PHE A 455 29.45 33.74 23.10
CA PHE A 455 30.39 34.18 24.11
C PHE A 455 31.72 33.42 24.19
N ASN A 456 31.93 32.51 23.24
CA ASN A 456 33.16 31.71 23.21
C ASN A 456 33.27 30.79 24.42
N THR A 457 32.24 30.82 25.27
CA THR A 457 32.21 30.00 26.48
C THR A 457 32.81 28.61 26.19
N GLU A 458 34.06 28.46 26.59
CA GLU A 458 34.85 27.24 26.38
C GLU A 458 34.13 25.95 26.80
N VAL A 459 34.07 25.00 25.88
CA VAL A 459 33.38 23.74 26.13
C VAL A 459 34.14 22.53 25.58
N ARG A 460 35.18 22.81 24.79
CA ARG A 460 36.00 21.75 24.19
C ARG A 460 36.38 20.60 25.13
N ASN A 461 36.75 20.93 26.36
CA ASN A 461 37.11 19.91 27.34
C ASN A 461 35.88 19.29 28.04
N LEU A 462 34.85 18.99 27.27
CA LEU A 462 33.63 18.38 27.78
C LEU A 462 33.37 17.09 27.07
N SER A 463 32.53 16.26 27.70
CA SER A 463 32.12 15.00 27.10
C SER A 463 31.02 15.38 26.11
N LYS A 464 30.65 14.45 25.26
CA LYS A 464 29.62 14.74 24.29
C LYS A 464 28.28 14.95 25.00
N VAL A 465 28.02 14.12 26.02
CA VAL A 465 26.77 14.20 26.79
C VAL A 465 26.41 15.62 27.20
N GLU A 466 27.24 16.22 28.04
CA GLU A 466 27.01 17.58 28.50
C GLU A 466 27.18 18.61 27.38
N ARG A 467 28.03 18.29 26.41
CA ARG A 467 28.29 19.15 25.26
C ARG A 467 27.01 19.46 24.45
N ALA A 468 26.01 18.59 24.59
CA ALA A 468 24.75 18.70 23.85
C ALA A 468 23.98 20.01 24.02
N ASN A 469 23.72 20.40 25.26
CA ASN A 469 22.95 21.61 25.51
C ASN A 469 23.77 22.74 26.15
N ALA A 470 25.09 22.62 26.08
CA ALA A 470 26.00 23.60 26.65
C ALA A 470 25.64 25.08 26.40
N CYS A 471 25.86 25.55 25.18
CA CYS A 471 25.61 26.95 24.83
C CYS A 471 24.18 27.48 24.97
N ASN A 472 23.19 26.60 24.99
CA ASN A 472 21.81 27.03 25.16
C ASN A 472 21.59 27.37 26.62
N SER A 473 21.80 26.37 27.48
CA SER A 473 21.64 26.53 28.92
C SER A 473 22.43 27.75 29.42
N VAL A 474 23.44 28.15 28.66
CA VAL A 474 24.22 29.32 29.01
C VAL A 474 23.23 30.47 28.92
N ILE A 475 22.62 30.60 27.75
CA ILE A 475 21.63 31.64 27.52
C ILE A 475 20.36 31.39 28.35
N ARG A 476 20.07 30.13 28.67
CA ARG A 476 18.91 29.81 29.47
C ARG A 476 18.98 30.50 30.82
N GLN A 477 20.18 30.59 31.39
CA GLN A 477 20.35 31.21 32.70
C GLN A 477 20.42 32.73 32.71
N LEU A 478 20.80 33.32 31.58
CA LEU A 478 20.89 34.76 31.45
C LEU A 478 19.50 35.35 31.74
N MET A 479 18.53 35.00 30.90
CA MET A 479 17.15 35.47 31.05
C MET A 479 16.33 34.39 31.74
N LYS A 480 15.16 34.75 32.26
CA LYS A 480 14.30 33.78 32.93
C LYS A 480 13.02 33.68 32.11
N LYS A 481 12.73 32.48 31.63
CA LYS A 481 11.52 32.25 30.85
C LYS A 481 10.26 32.34 31.72
N GLU A 482 9.56 33.46 31.61
CA GLU A 482 8.33 33.69 32.39
C GLU A 482 7.15 32.86 31.87
N PHE A 483 6.83 32.99 30.57
CA PHE A 483 5.73 32.23 29.93
C PHE A 483 5.80 32.29 28.39
N THR A 484 5.17 31.34 27.72
CA THR A 484 5.22 31.33 26.25
C THR A 484 3.87 31.41 25.56
N LEU A 485 3.83 32.15 24.48
CA LEU A 485 2.62 32.28 23.67
C LEU A 485 2.83 31.29 22.54
N GLU A 486 2.32 30.09 22.72
CA GLU A 486 2.47 29.04 21.73
C GLU A 486 2.09 29.40 20.30
N PHE A 487 2.48 28.52 19.40
CA PHE A 487 2.22 28.68 17.98
C PHE A 487 0.74 28.63 17.68
N SER A 488 0.33 29.34 16.63
CA SER A 488 -1.06 29.37 16.20
C SER A 488 -1.01 29.68 14.72
N ARG A 489 -1.65 28.83 13.94
CA ARG A 489 -1.67 28.98 12.50
C ARG A 489 -2.25 30.27 11.97
N ASP A 490 -2.86 31.06 12.84
CA ASP A 490 -3.40 32.32 12.36
C ASP A 490 -2.22 33.29 12.21
N ARG A 491 -1.50 33.53 13.30
CA ARG A 491 -0.40 34.46 13.28
C ARG A 491 0.91 33.83 12.80
N LYS A 492 0.91 32.51 12.65
CA LYS A 492 2.10 31.79 12.17
C LYS A 492 3.37 32.22 12.89
N SER A 493 3.43 32.02 14.19
CA SER A 493 4.59 32.42 14.96
C SER A 493 4.33 32.16 16.42
N MET A 494 5.39 32.11 17.19
CA MET A 494 5.29 31.88 18.62
C MET A 494 6.29 32.81 19.30
N SER A 495 6.10 33.06 20.61
CA SER A 495 7.00 33.94 21.37
C SER A 495 7.23 33.48 22.79
N VAL A 496 7.93 34.30 23.56
CA VAL A 496 8.23 34.01 24.95
C VAL A 496 8.55 35.30 25.71
N TYR A 497 7.89 35.48 26.85
CA TYR A 497 8.10 36.65 27.70
C TYR A 497 9.26 36.37 28.67
N CYS A 498 10.27 37.25 28.71
CA CYS A 498 11.44 37.01 29.58
C CYS A 498 11.94 38.08 30.54
N SER A 499 12.33 37.61 31.73
CA SER A 499 12.87 38.44 32.82
C SER A 499 14.41 38.34 32.82
N PRO A 500 15.10 39.38 33.35
CA PRO A 500 16.57 39.40 33.40
C PRO A 500 17.22 38.53 34.48
N ALA A 501 16.49 38.23 35.54
CA ALA A 501 17.01 37.43 36.65
C ALA A 501 17.85 38.32 37.59
N LYS A 502 19.11 37.93 37.83
CA LYS A 502 19.98 38.71 38.70
C LYS A 502 20.14 40.18 38.28
N SER A 503 20.14 41.07 39.29
CA SER A 503 20.27 42.51 39.07
C SER A 503 21.51 42.93 38.28
N SER A 504 21.59 44.24 37.98
CA SER A 504 22.64 44.87 37.18
C SER A 504 22.20 44.70 35.72
N ARG A 505 21.12 43.93 35.55
CA ARG A 505 20.50 43.63 34.26
C ARG A 505 19.09 44.25 34.25
N ALA A 506 18.62 44.61 35.45
CA ALA A 506 17.30 45.21 35.67
C ALA A 506 16.80 46.15 34.53
N ALA A 507 17.63 47.11 34.11
CA ALA A 507 17.27 48.03 33.02
C ALA A 507 16.89 47.20 31.79
N VAL A 508 15.95 47.70 30.98
CA VAL A 508 15.47 46.96 29.80
C VAL A 508 15.16 45.52 30.27
N GLY A 509 14.48 45.45 31.41
CA GLY A 509 14.13 44.19 32.04
C GLY A 509 13.32 43.15 31.29
N ASN A 510 12.05 43.44 31.04
CA ASN A 510 11.21 42.48 30.34
C ASN A 510 11.29 42.64 28.85
N LYS A 511 11.53 41.52 28.19
CA LYS A 511 11.66 41.44 26.74
C LYS A 511 10.72 40.35 26.22
N MET A 512 10.49 40.38 24.91
CA MET A 512 9.61 39.40 24.29
C MET A 512 10.20 38.91 22.95
N PHE A 513 10.68 37.66 22.91
CA PHE A 513 11.30 37.10 21.70
C PHE A 513 10.39 36.32 20.75
N VAL A 514 10.28 36.79 19.51
CA VAL A 514 9.41 36.16 18.51
C VAL A 514 10.09 35.44 17.34
N LYS A 515 9.43 34.39 16.85
CA LYS A 515 9.91 33.62 15.70
C LYS A 515 8.72 32.99 14.95
N GLY A 516 8.63 33.26 13.65
CA GLY A 516 7.56 32.71 12.83
C GLY A 516 7.79 32.88 11.34
N ALA A 517 6.72 32.80 10.55
CA ALA A 517 6.80 32.98 9.10
C ALA A 517 7.23 34.43 8.87
N PRO A 518 8.21 34.65 7.99
CA PRO A 518 8.74 35.99 7.67
C PRO A 518 7.72 37.07 7.30
N GLU A 519 6.96 36.85 6.23
CA GLU A 519 5.96 37.81 5.78
C GLU A 519 5.08 38.10 6.97
N GLY A 520 4.70 37.04 7.68
CA GLY A 520 3.88 37.22 8.85
C GLY A 520 4.50 38.24 9.78
N VAL A 521 5.44 37.79 10.62
CA VAL A 521 6.09 38.66 11.59
C VAL A 521 6.66 39.98 11.05
N ILE A 522 7.33 39.99 9.90
CA ILE A 522 7.88 41.24 9.38
C ILE A 522 6.85 42.36 9.15
N ASP A 523 5.60 41.99 8.88
CA ASP A 523 4.56 43.00 8.67
C ASP A 523 4.17 43.60 10.02
N ARG A 524 4.70 43.01 11.10
CA ARG A 524 4.43 43.47 12.46
C ARG A 524 5.64 44.19 13.03
N CYS A 525 6.65 44.40 12.20
CA CYS A 525 7.88 45.07 12.66
C CYS A 525 7.96 46.53 12.27
N ASN A 526 8.15 47.38 13.28
CA ASN A 526 8.28 48.82 13.08
C ASN A 526 9.71 49.25 13.27
N TYR A 527 10.55 48.33 13.73
CA TYR A 527 11.96 48.62 13.94
C TYR A 527 12.84 47.51 13.39
N VAL A 528 14.15 47.73 13.43
CA VAL A 528 15.13 46.75 12.95
C VAL A 528 16.38 46.94 13.79
N ARG A 529 16.94 45.86 14.32
CA ARG A 529 18.13 46.01 15.13
C ARG A 529 19.43 45.89 14.34
N VAL A 530 20.14 47.01 14.23
CA VAL A 530 21.42 47.08 13.55
C VAL A 530 22.53 47.09 14.60
N GLY A 531 22.92 45.90 15.06
CA GLY A 531 23.95 45.80 16.08
C GLY A 531 23.32 45.81 17.45
N THR A 532 23.46 46.93 18.15
CA THR A 532 22.88 47.10 19.48
C THR A 532 21.89 48.24 19.36
N THR A 533 22.02 49.00 18.28
CA THR A 533 21.12 50.13 18.04
C THR A 533 19.83 49.65 17.37
N ARG A 534 18.94 50.60 17.09
CA ARG A 534 17.65 50.33 16.47
C ARG A 534 17.26 51.45 15.52
N VAL A 535 16.43 51.12 14.53
CA VAL A 535 16.04 52.10 13.54
C VAL A 535 14.67 51.77 12.95
N PRO A 536 13.88 52.80 12.63
CA PRO A 536 12.54 52.61 12.06
C PRO A 536 12.50 51.81 10.77
N MET A 537 11.85 50.66 10.82
CA MET A 537 11.68 49.78 9.67
C MET A 537 11.17 50.57 8.44
N THR A 538 12.03 50.81 7.46
CA THR A 538 11.61 51.56 6.28
C THR A 538 11.39 50.67 5.07
N GLY A 539 10.57 51.15 4.14
CA GLY A 539 10.27 50.40 2.93
C GLY A 539 11.50 49.79 2.26
N PRO A 540 12.56 50.59 2.01
CA PRO A 540 13.77 50.08 1.37
C PRO A 540 14.33 48.86 2.11
N VAL A 541 14.49 48.99 3.42
CA VAL A 541 15.03 47.90 4.22
C VAL A 541 14.11 46.69 4.16
N LYS A 542 12.81 46.92 4.06
CA LYS A 542 11.84 45.83 4.02
C LYS A 542 11.85 45.04 2.71
N GLU A 543 12.02 45.75 1.59
CA GLU A 543 12.08 45.09 0.29
C GLU A 543 13.31 44.20 0.29
N LYS A 544 14.45 44.77 0.68
CA LYS A 544 15.70 44.04 0.72
C LYS A 544 15.57 42.80 1.59
N ILE A 545 14.81 42.88 2.68
CA ILE A 545 14.67 41.71 3.55
C ILE A 545 13.83 40.62 2.90
N LEU A 546 12.68 41.02 2.34
CA LEU A 546 11.77 40.08 1.70
C LEU A 546 12.33 39.53 0.40
N SER A 547 13.35 40.19 -0.15
CA SER A 547 13.97 39.76 -1.40
C SER A 547 14.85 38.53 -1.18
N VAL A 548 15.68 38.62 -0.15
CA VAL A 548 16.60 37.54 0.19
C VAL A 548 15.80 36.36 0.70
N ILE A 549 14.69 36.66 1.36
CA ILE A 549 13.82 35.61 1.88
C ILE A 549 13.31 34.75 0.72
N LYS A 550 13.15 35.35 -0.46
CA LYS A 550 12.66 34.59 -1.61
C LYS A 550 13.74 33.82 -2.35
N GLU A 551 14.94 34.36 -2.43
CA GLU A 551 16.02 33.65 -3.13
C GLU A 551 16.31 32.38 -2.32
N TRP A 552 16.10 32.46 -1.02
CA TRP A 552 16.37 31.33 -0.14
C TRP A 552 15.31 30.23 -0.18
N GLY A 553 14.06 30.62 -0.40
CA GLY A 553 13.00 29.63 -0.46
C GLY A 553 12.68 29.19 -1.88
N THR A 554 12.98 30.06 -2.84
CA THR A 554 12.72 29.78 -4.25
C THR A 554 13.94 29.30 -5.04
N GLY A 555 15.11 29.78 -4.65
CA GLY A 555 16.33 29.39 -5.33
C GLY A 555 16.71 27.94 -5.13
N ARG A 556 17.68 27.50 -5.93
CA ARG A 556 18.17 26.12 -5.88
C ARG A 556 18.37 25.62 -4.46
N ASP A 557 18.43 26.53 -3.49
CA ASP A 557 18.60 26.18 -2.06
C ASP A 557 17.38 25.44 -1.50
N THR A 558 16.19 25.94 -1.87
CA THR A 558 14.92 25.39 -1.38
C THR A 558 14.93 25.35 0.15
N LEU A 559 15.19 26.51 0.76
CA LEU A 559 15.27 26.65 2.21
C LEU A 559 14.00 27.17 2.89
N ARG A 560 13.71 26.62 4.05
CA ARG A 560 12.56 27.04 4.84
C ARG A 560 13.05 28.21 5.66
N CYS A 561 12.31 29.31 5.70
CA CYS A 561 12.77 30.47 6.45
C CYS A 561 12.01 30.88 7.70
N LEU A 562 12.78 31.19 8.74
CA LEU A 562 12.24 31.63 10.02
C LEU A 562 12.71 33.04 10.39
N ALA A 563 11.78 33.98 10.53
CA ALA A 563 12.13 35.34 10.92
C ALA A 563 12.24 35.41 12.45
N LEU A 564 13.35 35.96 12.95
CA LEU A 564 13.53 36.10 14.40
C LEU A 564 13.46 37.59 14.73
N ALA A 565 12.60 37.96 15.67
CA ALA A 565 12.49 39.38 16.04
C ALA A 565 12.40 39.54 17.55
N THR A 566 12.07 40.75 17.98
CA THR A 566 11.95 41.02 19.40
C THR A 566 11.10 42.25 19.70
N ARG A 567 10.32 42.16 20.78
CA ARG A 567 9.51 43.28 21.22
C ARG A 567 10.24 43.87 22.43
N ASP A 568 10.88 45.01 22.19
CA ASP A 568 11.66 45.70 23.20
C ASP A 568 10.83 46.14 24.38
N THR A 569 9.72 46.79 24.09
CA THR A 569 8.83 47.26 25.16
C THR A 569 7.56 46.45 25.09
N PRO A 570 7.58 45.26 25.71
CA PRO A 570 6.45 44.33 25.76
C PRO A 570 5.37 44.81 26.73
N PRO A 571 4.08 44.61 26.39
CA PRO A 571 3.03 45.07 27.29
C PRO A 571 3.25 44.54 28.71
N LYS A 572 2.81 45.34 29.68
CA LYS A 572 2.97 45.01 31.10
C LYS A 572 2.45 43.59 31.36
N ARG A 573 3.19 42.83 32.16
CA ARG A 573 2.82 41.46 32.42
C ARG A 573 1.34 41.21 32.72
N GLU A 574 0.78 41.95 33.66
CA GLU A 574 -0.62 41.75 34.04
C GLU A 574 -1.62 42.14 32.96
N GLU A 575 -1.16 42.91 31.99
CA GLU A 575 -2.03 43.36 30.93
C GLU A 575 -2.17 42.30 29.84
N MET A 576 -1.67 41.10 30.11
CA MET A 576 -1.75 40.03 29.14
C MET A 576 -2.58 38.85 29.62
N VAL A 577 -3.49 38.38 28.76
CA VAL A 577 -4.33 37.23 29.06
C VAL A 577 -3.66 36.05 28.35
N LEU A 578 -2.92 35.26 29.11
CA LEU A 578 -2.17 34.12 28.58
C LEU A 578 -2.98 32.88 28.19
N ASP A 579 -4.24 33.02 27.77
CA ASP A 579 -5.02 31.83 27.38
C ASP A 579 -6.03 32.02 26.27
N ASP A 580 -5.62 32.72 25.22
CA ASP A 580 -6.48 32.95 24.07
C ASP A 580 -5.67 33.20 22.80
N SER A 581 -5.33 32.10 22.13
CA SER A 581 -4.54 32.14 20.92
C SER A 581 -4.89 33.34 20.05
N SER A 582 -6.12 33.80 20.18
CA SER A 582 -6.60 34.94 19.40
C SER A 582 -5.90 36.25 19.70
N ARG A 583 -5.63 36.53 20.97
CA ARG A 583 -4.98 37.78 21.34
C ARG A 583 -3.47 37.79 21.26
N PHE A 584 -2.84 36.61 21.20
CA PHE A 584 -1.39 36.55 21.14
C PHE A 584 -0.82 37.33 19.99
N MET A 585 -1.56 37.37 18.87
CA MET A 585 -1.07 38.09 17.73
C MET A 585 -0.95 39.59 18.05
N GLU A 586 -1.89 40.10 18.83
CA GLU A 586 -1.88 41.51 19.21
C GLU A 586 -0.74 41.84 20.17
N TYR A 587 -0.32 40.85 20.96
CA TYR A 587 0.78 41.02 21.91
C TYR A 587 2.13 40.93 21.18
N GLU A 588 2.13 40.33 19.99
CA GLU A 588 3.33 40.18 19.18
C GLU A 588 3.43 41.23 18.08
N THR A 589 3.26 42.49 18.43
CA THR A 589 3.33 43.54 17.44
C THR A 589 4.33 44.61 17.88
N ASP A 590 4.52 45.61 17.02
CA ASP A 590 5.47 46.69 17.29
C ASP A 590 6.81 46.02 17.61
N LEU A 591 7.26 45.19 16.67
CA LEU A 591 8.48 44.44 16.83
C LEU A 591 9.63 45.06 16.09
N THR A 592 10.85 44.70 16.49
CA THR A 592 12.03 45.19 15.78
C THR A 592 12.69 43.90 15.28
N PHE A 593 12.71 43.77 13.97
CA PHE A 593 13.30 42.63 13.27
C PHE A 593 14.77 42.47 13.61
N VAL A 594 15.22 41.27 13.95
CA VAL A 594 16.64 41.14 14.26
C VAL A 594 17.36 40.33 13.17
N GLY A 595 16.71 39.31 12.61
CA GLY A 595 17.35 38.52 11.57
C GLY A 595 16.65 37.20 11.23
N VAL A 596 16.82 36.71 10.01
CA VAL A 596 16.18 35.45 9.62
C VAL A 596 17.17 34.30 9.53
N VAL A 597 16.66 33.09 9.74
CA VAL A 597 17.45 31.86 9.72
C VAL A 597 16.89 30.88 8.71
N GLY A 598 17.72 30.43 7.77
CA GLY A 598 17.25 29.48 6.77
C GLY A 598 17.80 28.08 6.96
N MET A 599 16.92 27.11 7.25
CA MET A 599 17.33 25.73 7.45
C MET A 599 16.91 24.84 6.29
N LEU A 600 17.52 23.66 6.22
CA LEU A 600 17.27 22.72 5.13
C LEU A 600 16.83 21.30 5.49
N ASP A 601 15.89 20.81 4.69
CA ASP A 601 15.40 19.44 4.83
C ASP A 601 15.88 18.78 3.56
N PRO A 602 17.10 18.24 3.59
CA PRO A 602 17.75 17.56 2.49
C PRO A 602 16.96 16.37 1.95
N PRO A 603 16.87 16.26 0.61
CA PRO A 603 16.13 15.14 0.03
C PRO A 603 17.01 13.92 0.22
N ARG A 604 16.42 12.73 0.24
CA ARG A 604 17.21 11.52 0.41
C ARG A 604 18.07 11.23 -0.82
N LYS A 605 19.20 10.59 -0.59
CA LYS A 605 20.13 10.24 -1.67
C LYS A 605 19.39 9.59 -2.84
N GLU A 606 18.98 8.35 -2.62
CA GLU A 606 18.28 7.54 -3.60
C GLU A 606 16.92 8.09 -4.06
N VAL A 607 16.66 9.36 -3.87
CA VAL A 607 15.38 9.90 -4.31
C VAL A 607 15.47 10.48 -5.72
N MET A 608 16.51 11.30 -5.93
CA MET A 608 16.75 11.95 -7.24
C MET A 608 16.60 10.97 -8.38
N GLY A 609 17.36 9.88 -8.31
CA GLY A 609 17.31 8.89 -9.36
C GLY A 609 15.98 8.17 -9.41
N SER A 610 15.41 7.89 -8.24
CA SER A 610 14.13 7.21 -8.19
C SER A 610 13.09 8.00 -8.96
N ILE A 611 13.15 9.33 -8.82
CA ILE A 611 12.21 10.16 -9.55
C ILE A 611 12.47 10.04 -11.04
N GLN A 612 13.74 9.96 -11.42
CA GLN A 612 14.09 9.85 -12.83
C GLN A 612 13.56 8.53 -13.39
N LEU A 613 13.70 7.46 -12.61
CA LEU A 613 13.23 6.14 -13.02
C LEU A 613 11.78 6.18 -13.46
N CYS A 614 10.95 6.80 -12.63
CA CYS A 614 9.52 6.94 -12.90
C CYS A 614 9.26 7.67 -14.22
N ARG A 615 10.16 8.58 -14.58
CA ARG A 615 10.03 9.30 -15.82
C ARG A 615 10.10 8.26 -16.92
N ASP A 616 11.16 7.48 -16.90
CA ASP A 616 11.37 6.43 -17.89
C ASP A 616 10.25 5.39 -17.81
N ALA A 617 9.78 5.14 -16.60
CA ALA A 617 8.73 4.18 -16.38
C ALA A 617 7.34 4.73 -16.65
N GLY A 618 7.26 5.94 -17.21
CA GLY A 618 5.97 6.54 -17.51
C GLY A 618 5.04 6.69 -16.32
N ILE A 619 5.60 6.80 -15.12
CA ILE A 619 4.79 6.94 -13.91
C ILE A 619 4.83 8.38 -13.42
N ARG A 620 3.65 9.00 -13.29
CA ARG A 620 3.58 10.37 -12.82
C ARG A 620 3.76 10.36 -11.32
N VAL A 621 4.54 11.32 -10.82
CA VAL A 621 4.81 11.43 -9.39
C VAL A 621 4.20 12.72 -8.87
N ILE A 622 3.33 12.60 -7.86
CA ILE A 622 2.70 13.79 -7.29
C ILE A 622 3.11 13.95 -5.83
N MET A 623 3.68 15.10 -5.52
CA MET A 623 4.15 15.43 -4.17
C MET A 623 3.03 16.00 -3.31
N ILE A 624 3.06 15.69 -2.02
CA ILE A 624 2.05 16.21 -1.12
C ILE A 624 2.83 16.73 0.07
N THR A 625 2.98 18.05 0.13
CA THR A 625 3.74 18.69 1.19
C THR A 625 2.99 19.72 2.03
N GLY A 626 3.72 20.30 2.98
CA GLY A 626 3.16 21.30 3.87
C GLY A 626 3.77 22.63 3.52
N ASP A 627 4.89 22.61 2.79
CA ASP A 627 5.55 23.83 2.38
C ASP A 627 4.55 24.73 1.65
N ASN A 628 4.90 26.00 1.46
CA ASN A 628 4.02 26.88 0.72
C ASN A 628 4.35 26.46 -0.72
N LYS A 629 3.50 26.81 -1.68
CA LYS A 629 3.77 26.37 -3.05
C LYS A 629 5.00 27.05 -3.67
N GLY A 630 5.41 28.17 -3.09
CA GLY A 630 6.58 28.86 -3.60
C GLY A 630 7.80 27.97 -3.45
N THR A 631 8.03 27.50 -2.23
CA THR A 631 9.16 26.62 -1.96
C THR A 631 8.80 25.20 -2.38
N ALA A 632 7.52 24.83 -2.24
CA ALA A 632 7.07 23.51 -2.64
C ALA A 632 7.61 23.30 -4.04
N ILE A 633 7.18 24.16 -4.97
CA ILE A 633 7.64 24.08 -6.34
C ILE A 633 9.17 24.00 -6.44
N ALA A 634 9.87 24.74 -5.59
CA ALA A 634 11.33 24.72 -5.59
C ALA A 634 11.83 23.31 -5.29
N ILE A 635 11.30 22.72 -4.23
CA ILE A 635 11.64 21.37 -3.83
C ILE A 635 11.29 20.37 -4.93
N CYS A 636 10.21 20.65 -5.66
CA CYS A 636 9.78 19.79 -6.76
C CYS A 636 10.80 19.87 -7.90
N ARG A 637 11.41 21.04 -8.10
CA ARG A 637 12.43 21.20 -9.14
C ARG A 637 13.72 20.56 -8.69
N ARG A 638 14.06 20.76 -7.44
CA ARG A 638 15.29 20.22 -6.87
C ARG A 638 15.43 18.70 -7.02
N ILE A 639 14.31 17.97 -6.89
CA ILE A 639 14.36 16.51 -7.00
C ILE A 639 14.02 15.95 -8.37
N GLY A 640 13.38 16.76 -9.22
CA GLY A 640 13.08 16.27 -10.54
C GLY A 640 11.64 16.25 -10.96
N ILE A 641 10.73 16.53 -10.04
CA ILE A 641 9.34 16.52 -10.44
C ILE A 641 9.23 17.56 -11.56
N PHE A 642 9.89 18.70 -11.39
CA PHE A 642 9.85 19.76 -12.40
C PHE A 642 11.25 20.06 -12.95
N GLY A 643 11.32 20.64 -14.13
CA GLY A 643 12.60 20.99 -14.71
C GLY A 643 13.00 22.29 -14.04
N GLU A 644 14.26 22.70 -14.15
CA GLU A 644 14.66 23.94 -13.51
C GLU A 644 14.04 25.18 -14.16
N ASN A 645 13.70 25.08 -15.45
CA ASN A 645 13.10 26.19 -16.19
C ASN A 645 11.71 25.84 -16.73
N GLU A 646 11.16 24.74 -16.24
CA GLU A 646 9.84 24.29 -16.67
C GLU A 646 8.71 25.13 -16.07
N GLU A 647 7.70 25.43 -16.90
CA GLU A 647 6.55 26.20 -16.45
C GLU A 647 5.67 25.32 -15.56
N VAL A 648 5.04 25.92 -14.54
CA VAL A 648 4.21 25.16 -13.62
C VAL A 648 2.90 25.83 -13.23
N ALA A 649 2.37 26.66 -14.13
CA ALA A 649 1.12 27.36 -13.88
C ALA A 649 -0.01 26.43 -13.40
N ASP A 650 -0.46 25.54 -14.28
CA ASP A 650 -1.55 24.63 -13.95
C ASP A 650 -1.05 23.23 -13.56
N ARG A 651 0.05 23.17 -12.83
CA ARG A 651 0.61 21.88 -12.42
C ARG A 651 0.97 21.83 -10.94
N ALA A 652 0.60 22.86 -10.21
CA ALA A 652 0.87 22.94 -8.78
C ALA A 652 -0.20 23.79 -8.13
N TYR A 653 -1.00 23.20 -7.26
CA TYR A 653 -2.05 23.94 -6.58
C TYR A 653 -1.92 23.80 -5.09
N THR A 654 -2.69 24.60 -4.37
CA THR A 654 -2.68 24.57 -2.92
C THR A 654 -4.04 24.10 -2.44
N GLY A 655 -4.11 23.65 -1.20
CA GLY A 655 -5.38 23.18 -0.67
C GLY A 655 -6.54 24.14 -0.87
N ARG A 656 -6.24 25.43 -0.87
CA ARG A 656 -7.28 26.46 -1.04
C ARG A 656 -7.60 26.66 -2.52
N GLU A 657 -6.57 26.95 -3.31
CA GLU A 657 -6.72 27.17 -4.75
C GLU A 657 -7.61 26.10 -5.33
N PHE A 658 -7.28 24.86 -5.00
CA PHE A 658 -8.00 23.68 -5.45
C PHE A 658 -9.48 23.76 -5.03
N ASP A 659 -9.73 23.98 -3.74
CA ASP A 659 -11.10 24.08 -3.25
C ASP A 659 -11.88 25.18 -3.94
N ASP A 660 -11.18 26.28 -4.26
CA ASP A 660 -11.80 27.41 -4.92
C ASP A 660 -12.14 27.12 -6.39
N LEU A 661 -11.91 25.90 -6.83
CA LEU A 661 -12.21 25.55 -8.20
C LEU A 661 -13.48 24.74 -8.29
N PRO A 662 -14.20 24.88 -9.40
CA PRO A 662 -15.45 24.13 -9.61
C PRO A 662 -15.11 22.67 -10.00
N LEU A 663 -15.90 21.73 -9.50
CA LEU A 663 -15.69 20.29 -9.71
C LEU A 663 -15.09 19.90 -11.05
N ALA A 664 -15.33 20.73 -12.07
CA ALA A 664 -14.80 20.46 -13.41
C ALA A 664 -13.29 20.72 -13.43
N GLU A 665 -12.88 21.98 -13.31
CA GLU A 665 -11.46 22.36 -13.33
C GLU A 665 -10.70 21.62 -12.24
N GLN A 666 -11.38 21.37 -11.14
CA GLN A 666 -10.80 20.63 -10.02
C GLN A 666 -10.31 19.31 -10.61
N ARG A 667 -11.21 18.62 -11.31
CA ARG A 667 -10.87 17.34 -11.92
C ARG A 667 -9.77 17.50 -12.95
N GLU A 668 -9.94 18.46 -13.85
CA GLU A 668 -8.96 18.72 -14.91
C GLU A 668 -7.55 18.90 -14.35
N ALA A 669 -7.49 19.61 -13.23
CA ALA A 669 -6.21 19.89 -12.57
C ALA A 669 -5.46 18.62 -12.21
N CYS A 670 -6.15 17.65 -11.64
CA CYS A 670 -5.54 16.39 -11.22
C CYS A 670 -4.83 15.55 -12.27
N ARG A 671 -5.17 15.71 -13.55
CA ARG A 671 -4.51 14.89 -14.55
C ARG A 671 -3.20 15.50 -15.03
N ARG A 672 -2.86 16.66 -14.47
CA ARG A 672 -1.66 17.40 -14.84
C ARG A 672 -0.77 17.84 -13.66
N ALA A 673 -1.41 18.17 -12.54
CA ALA A 673 -0.73 18.62 -11.34
C ALA A 673 0.30 17.63 -10.83
N CYS A 674 1.24 18.12 -10.02
CA CYS A 674 2.30 17.27 -9.49
C CYS A 674 2.78 17.71 -8.12
N CYS A 675 2.59 18.98 -7.82
CA CYS A 675 3.01 19.51 -6.53
C CYS A 675 1.78 20.12 -5.87
N PHE A 676 1.27 19.45 -4.83
CA PHE A 676 0.10 19.89 -4.03
C PHE A 676 0.57 20.28 -2.64
N ALA A 677 0.58 21.58 -2.33
CA ALA A 677 1.04 22.06 -1.04
C ALA A 677 -0.05 22.45 -0.07
N ARG A 678 0.29 22.38 1.22
CA ARG A 678 -0.62 22.73 2.29
C ARG A 678 -1.99 22.17 1.97
N VAL A 679 -2.06 20.85 2.06
CA VAL A 679 -3.25 20.09 1.75
C VAL A 679 -3.99 19.49 2.94
N GLU A 680 -5.26 19.83 3.06
CA GLU A 680 -6.12 19.34 4.14
C GLU A 680 -6.38 17.81 3.99
N PRO A 681 -7.01 17.18 4.99
CA PRO A 681 -7.30 15.72 4.95
C PRO A 681 -8.21 15.23 3.84
N SER A 682 -9.34 15.93 3.67
CA SER A 682 -10.32 15.58 2.66
C SER A 682 -9.64 15.38 1.33
N HIS A 683 -8.75 16.31 1.00
CA HIS A 683 -8.04 16.30 -0.26
C HIS A 683 -7.45 14.98 -0.74
N LYS A 684 -6.56 14.38 0.04
CA LYS A 684 -6.00 13.10 -0.39
C LYS A 684 -7.07 12.18 -0.98
N SER A 685 -8.28 12.21 -0.41
CA SER A 685 -9.34 11.34 -0.92
C SER A 685 -9.98 11.83 -2.22
N LYS A 686 -9.98 13.14 -2.43
CA LYS A 686 -10.56 13.67 -3.65
C LYS A 686 -9.59 13.42 -4.81
N ILE A 687 -8.33 13.74 -4.59
CA ILE A 687 -7.30 13.55 -5.62
C ILE A 687 -7.27 12.11 -6.13
N VAL A 688 -7.60 11.17 -5.27
CA VAL A 688 -7.62 9.77 -5.67
C VAL A 688 -8.80 9.50 -6.58
N GLU A 689 -9.98 9.92 -6.16
CA GLU A 689 -11.16 9.68 -6.97
C GLU A 689 -11.05 10.28 -8.35
N TYR A 690 -10.35 11.41 -8.45
CA TYR A 690 -10.18 12.05 -9.73
C TYR A 690 -9.18 11.29 -10.61
N LEU A 691 -8.07 10.89 -10.02
CA LEU A 691 -7.04 10.14 -10.72
C LEU A 691 -7.65 8.82 -11.23
N GLN A 692 -8.74 8.41 -10.57
CA GLN A 692 -9.46 7.19 -10.91
C GLN A 692 -10.45 7.43 -12.04
N SER A 693 -11.00 8.64 -12.09
CA SER A 693 -11.93 9.00 -13.15
C SER A 693 -11.13 9.08 -14.45
N TYR A 694 -9.83 8.84 -14.35
CA TYR A 694 -8.94 8.86 -15.52
C TYR A 694 -8.32 7.49 -15.67
N ASP A 695 -9.05 6.50 -15.16
CA ASP A 695 -8.67 5.11 -15.18
C ASP A 695 -7.20 4.86 -14.84
N GLU A 696 -6.71 5.57 -13.84
CA GLU A 696 -5.32 5.40 -13.42
C GLU A 696 -5.17 4.63 -12.13
N ILE A 697 -4.11 3.84 -12.06
CA ILE A 697 -3.80 3.06 -10.87
C ILE A 697 -2.84 3.89 -10.03
N THR A 698 -3.35 4.52 -8.97
CA THR A 698 -2.52 5.37 -8.14
C THR A 698 -2.13 4.80 -6.78
N ALA A 699 -1.02 5.32 -6.29
CA ALA A 699 -0.50 4.93 -5.00
C ALA A 699 -0.59 6.16 -4.07
N MET A 700 -0.88 5.90 -2.81
CA MET A 700 -1.03 6.98 -1.85
C MET A 700 -0.29 6.67 -0.54
N THR A 701 0.52 7.62 -0.08
CA THR A 701 1.26 7.43 1.16
C THR A 701 0.52 8.06 2.33
N GLY A 702 0.69 7.49 3.52
CA GLY A 702 0.03 8.00 4.68
C GLY A 702 0.71 7.43 5.90
N ASP A 703 0.58 8.12 7.03
CA ASP A 703 1.20 7.66 8.26
C ASP A 703 0.18 7.48 9.38
N GLY A 704 -0.71 8.47 9.54
CA GLY A 704 -1.68 8.40 10.61
C GLY A 704 -3.04 7.85 10.27
N VAL A 705 -3.92 7.80 11.26
CA VAL A 705 -5.28 7.30 11.08
C VAL A 705 -6.10 8.17 10.14
N ASN A 706 -5.76 9.45 10.07
CA ASN A 706 -6.48 10.37 9.20
C ASN A 706 -6.27 10.02 7.72
N ASP A 707 -5.19 9.31 7.43
CA ASP A 707 -4.86 8.91 6.06
C ASP A 707 -5.54 7.60 5.65
N ALA A 708 -5.97 6.81 6.63
CA ALA A 708 -6.61 5.52 6.35
C ALA A 708 -7.71 5.59 5.28
N PRO A 709 -8.59 6.59 5.36
CA PRO A 709 -9.66 6.70 4.37
C PRO A 709 -9.06 6.73 2.98
N ALA A 710 -8.12 7.66 2.78
CA ALA A 710 -7.42 7.83 1.50
C ALA A 710 -6.68 6.56 1.12
N LEU A 711 -5.85 6.07 2.03
CA LEU A 711 -5.10 4.84 1.76
C LEU A 711 -6.00 3.70 1.31
N LYS A 712 -7.16 3.54 1.97
CA LYS A 712 -8.06 2.46 1.62
C LYS A 712 -8.76 2.68 0.29
N LYS A 713 -8.64 3.86 -0.29
CA LYS A 713 -9.32 4.09 -1.54
C LYS A 713 -8.36 4.12 -2.71
N ALA A 714 -7.08 4.36 -2.42
CA ALA A 714 -6.07 4.39 -3.48
C ALA A 714 -5.90 2.94 -3.93
N GLU A 715 -5.57 2.72 -5.20
CA GLU A 715 -5.42 1.36 -5.69
C GLU A 715 -4.41 0.64 -4.82
N ILE A 716 -3.35 1.35 -4.44
CA ILE A 716 -2.32 0.79 -3.55
C ILE A 716 -1.98 1.82 -2.48
N GLY A 717 -2.35 1.54 -1.24
CA GLY A 717 -2.05 2.46 -0.16
C GLY A 717 -0.70 2.09 0.43
N ILE A 718 0.18 3.06 0.56
CA ILE A 718 1.50 2.82 1.11
C ILE A 718 1.61 3.47 2.49
N ALA A 719 1.81 2.64 3.51
CA ALA A 719 1.93 3.15 4.87
C ALA A 719 3.38 3.21 5.30
N MET A 720 3.66 4.06 6.28
CA MET A 720 5.01 4.22 6.79
C MET A 720 5.32 3.18 7.88
N GLY A 721 6.55 2.66 7.88
CA GLY A 721 6.93 1.69 8.89
C GLY A 721 6.78 2.33 10.26
N SER A 722 7.12 3.62 10.32
CA SER A 722 7.01 4.38 11.56
C SER A 722 5.58 4.83 11.89
N GLY A 723 4.68 4.77 10.89
CA GLY A 723 3.29 5.18 11.05
C GLY A 723 2.39 4.31 11.90
N THR A 724 1.22 4.84 12.24
CA THR A 724 0.24 4.15 13.09
C THR A 724 -0.07 2.75 12.60
N ALA A 725 -0.65 1.94 13.48
CA ALA A 725 -0.99 0.58 13.10
C ALA A 725 -2.22 0.55 12.22
N VAL A 726 -3.15 1.45 12.50
CA VAL A 726 -4.36 1.49 11.70
C VAL A 726 -3.98 1.80 10.28
N ALA A 727 -3.09 2.77 10.11
CA ALA A 727 -2.66 3.14 8.77
C ALA A 727 -2.09 1.93 8.03
N LYS A 728 -1.25 1.18 8.73
CA LYS A 728 -0.63 0.00 8.13
C LYS A 728 -1.67 -1.01 7.74
N THR A 729 -2.54 -1.37 8.65
CA THR A 729 -3.54 -2.36 8.34
C THR A 729 -4.50 -1.92 7.23
N ALA A 730 -4.39 -0.67 6.82
CA ALA A 730 -5.28 -0.13 5.79
C ALA A 730 -4.58 -0.12 4.45
N SER A 731 -3.27 -0.22 4.46
CA SER A 731 -2.51 -0.17 3.24
C SER A 731 -2.10 -1.55 2.73
N GLU A 732 -1.78 -1.63 1.44
CA GLU A 732 -1.37 -2.89 0.81
C GLU A 732 0.11 -3.14 1.05
N MET A 733 0.88 -2.06 1.18
CA MET A 733 2.31 -2.20 1.41
C MET A 733 2.84 -1.22 2.45
N VAL A 734 3.92 -1.59 3.12
CA VAL A 734 4.52 -0.73 4.13
C VAL A 734 6.00 -0.44 3.86
N LEU A 735 6.45 0.78 4.13
CA LEU A 735 7.84 1.12 3.89
C LEU A 735 8.64 1.16 5.19
N ALA A 736 9.43 0.13 5.45
CA ALA A 736 10.22 0.10 6.68
C ALA A 736 11.00 1.42 6.81
N ASP A 737 11.82 1.73 5.80
CA ASP A 737 12.61 2.96 5.83
C ASP A 737 11.84 4.23 5.47
N ASP A 738 10.53 4.12 5.28
CA ASP A 738 9.70 5.27 4.93
C ASP A 738 10.22 5.99 3.69
N ASN A 739 11.30 5.48 3.13
CA ASN A 739 11.94 6.06 1.94
C ASN A 739 11.12 5.90 0.66
N PHE A 740 10.80 7.02 0.02
CA PHE A 740 10.03 6.98 -1.22
C PHE A 740 10.65 6.04 -2.25
N SER A 741 11.98 6.07 -2.37
CA SER A 741 12.67 5.23 -3.35
C SER A 741 12.37 3.73 -3.18
N THR A 742 11.90 3.36 -2.00
CA THR A 742 11.55 1.97 -1.74
C THR A 742 10.30 1.66 -2.52
N ILE A 743 9.46 2.67 -2.69
CA ILE A 743 8.23 2.51 -3.44
C ILE A 743 8.62 2.08 -4.82
N VAL A 744 9.36 2.94 -5.52
CA VAL A 744 9.82 2.67 -6.88
C VAL A 744 10.43 1.27 -7.03
N ALA A 745 11.33 0.89 -6.14
CA ALA A 745 11.93 -0.43 -6.19
C ALA A 745 10.81 -1.47 -6.18
N ALA A 746 9.86 -1.30 -5.29
CA ALA A 746 8.76 -2.21 -5.21
C ALA A 746 8.04 -2.33 -6.54
N VAL A 747 7.67 -1.20 -7.15
CA VAL A 747 6.97 -1.20 -8.44
C VAL A 747 7.72 -1.99 -9.50
N GLU A 748 9.04 -1.85 -9.55
CA GLU A 748 9.84 -2.58 -10.53
C GLU A 748 9.76 -4.11 -10.36
N GLU A 749 9.77 -4.60 -9.12
CA GLU A 749 9.65 -6.04 -8.89
C GLU A 749 8.26 -6.51 -9.33
N GLY A 750 7.30 -5.60 -9.27
CA GLY A 750 5.94 -5.93 -9.66
C GLY A 750 5.87 -6.18 -11.15
N ARG A 751 6.60 -5.38 -11.91
CA ARG A 751 6.64 -5.55 -13.35
C ARG A 751 7.42 -6.83 -13.67
N ALA A 752 8.44 -7.11 -12.85
CA ALA A 752 9.25 -8.31 -13.04
C ALA A 752 8.44 -9.56 -12.71
N ILE A 753 7.72 -9.50 -11.58
CA ILE A 753 6.91 -10.62 -11.15
C ILE A 753 5.82 -10.94 -12.16
N TYR A 754 5.09 -9.92 -12.59
CA TYR A 754 4.01 -10.16 -13.55
C TYR A 754 4.51 -10.64 -14.88
N ASN A 755 5.74 -10.30 -15.21
CA ASN A 755 6.25 -10.76 -16.48
C ASN A 755 6.43 -12.28 -16.52
N ASN A 756 7.08 -12.81 -15.49
CA ASN A 756 7.30 -14.25 -15.39
C ASN A 756 5.99 -14.95 -15.09
N MET A 757 5.27 -14.38 -14.14
CA MET A 757 3.98 -14.90 -13.73
C MET A 757 3.13 -15.02 -15.00
N LYS A 758 3.24 -14.00 -15.85
CA LYS A 758 2.49 -13.94 -17.11
C LYS A 758 2.69 -15.21 -17.93
N GLN A 759 3.94 -15.60 -18.11
CA GLN A 759 4.28 -16.77 -18.90
C GLN A 759 3.78 -18.09 -18.37
N PHE A 760 4.09 -18.41 -17.12
CA PHE A 760 3.63 -19.69 -16.62
C PHE A 760 2.12 -19.79 -16.67
N ILE A 761 1.43 -18.66 -16.68
CA ILE A 761 -0.01 -18.75 -16.76
C ILE A 761 -0.39 -19.14 -18.19
N ARG A 762 0.29 -18.58 -19.17
CA ARG A 762 0.02 -18.89 -20.57
C ARG A 762 0.35 -20.37 -20.84
N TYR A 763 1.39 -20.84 -20.16
CA TYR A 763 1.88 -22.20 -20.25
C TYR A 763 0.87 -23.21 -19.73
N LEU A 764 0.48 -23.04 -18.46
CA LEU A 764 -0.48 -23.96 -17.86
C LEU A 764 -1.80 -23.91 -18.59
N ILE A 765 -2.15 -22.76 -19.14
CA ILE A 765 -3.41 -22.67 -19.87
C ILE A 765 -3.40 -23.47 -21.16
N SER A 766 -2.37 -23.30 -21.98
CA SER A 766 -2.31 -24.02 -23.26
C SER A 766 -2.41 -25.53 -23.06
N SER A 767 -1.70 -26.05 -22.04
CA SER A 767 -1.72 -27.48 -21.77
C SER A 767 -3.17 -27.89 -21.49
N ASN A 768 -3.88 -27.07 -20.73
CA ASN A 768 -5.26 -27.41 -20.46
C ASN A 768 -6.05 -27.41 -21.79
N VAL A 769 -5.70 -26.52 -22.71
CA VAL A 769 -6.39 -26.48 -23.98
C VAL A 769 -6.17 -27.80 -24.72
N GLY A 770 -4.90 -28.18 -24.85
CA GLY A 770 -4.59 -29.41 -25.55
C GLY A 770 -5.21 -30.64 -24.90
N GLU A 771 -5.25 -30.65 -23.56
CA GLU A 771 -5.84 -31.78 -22.87
C GLU A 771 -7.27 -31.91 -23.34
N VAL A 772 -8.01 -30.80 -23.33
CA VAL A 772 -9.40 -30.80 -23.76
C VAL A 772 -9.54 -31.35 -25.19
N VAL A 773 -8.70 -30.87 -26.09
CA VAL A 773 -8.74 -31.35 -27.47
C VAL A 773 -8.74 -32.89 -27.47
N CYS A 774 -7.79 -33.46 -26.74
CA CYS A 774 -7.67 -34.91 -26.62
C CYS A 774 -9.02 -35.49 -26.26
N ILE A 775 -9.56 -35.09 -25.12
CA ILE A 775 -10.85 -35.59 -24.66
C ILE A 775 -11.94 -35.42 -25.72
N PHE A 776 -11.91 -34.29 -26.42
CA PHE A 776 -12.90 -34.03 -27.45
C PHE A 776 -12.81 -35.02 -28.59
N LEU A 777 -11.59 -35.37 -28.99
CA LEU A 777 -11.44 -36.33 -30.07
C LEU A 777 -11.80 -37.72 -29.56
N THR A 778 -11.36 -38.00 -28.35
CA THR A 778 -11.63 -39.28 -27.74
C THR A 778 -13.11 -39.60 -27.82
N ALA A 779 -13.94 -38.60 -27.55
CA ALA A 779 -15.39 -38.79 -27.57
C ALA A 779 -15.99 -38.53 -28.95
N ALA A 780 -15.36 -37.64 -29.71
CA ALA A 780 -15.85 -37.31 -31.04
C ALA A 780 -15.67 -38.49 -31.98
N LEU A 781 -14.77 -39.40 -31.61
CA LEU A 781 -14.52 -40.58 -32.44
C LEU A 781 -14.91 -41.88 -31.74
N GLY A 782 -15.34 -41.77 -30.49
CA GLY A 782 -15.75 -42.93 -29.72
C GLY A 782 -14.64 -43.90 -29.36
N LEU A 783 -13.41 -43.41 -29.24
CA LEU A 783 -12.25 -44.24 -28.89
C LEU A 783 -12.20 -44.55 -27.41
N PRO A 784 -11.25 -45.41 -27.01
CA PRO A 784 -11.10 -45.77 -25.60
C PRO A 784 -10.42 -44.60 -24.86
N GLU A 785 -10.78 -44.39 -23.60
CA GLU A 785 -10.18 -43.31 -22.82
C GLU A 785 -8.66 -43.25 -22.94
N ALA A 786 -8.17 -42.28 -23.70
CA ALA A 786 -6.73 -42.12 -23.88
C ALA A 786 -6.10 -41.61 -22.57
N LEU A 787 -6.72 -40.61 -21.93
CA LEU A 787 -6.22 -40.03 -20.67
C LEU A 787 -7.33 -40.09 -19.62
N ILE A 788 -6.96 -40.41 -18.39
CA ILE A 788 -7.90 -40.52 -17.27
C ILE A 788 -7.80 -39.37 -16.25
N PRO A 789 -8.95 -38.98 -15.65
CA PRO A 789 -8.99 -37.90 -14.66
C PRO A 789 -7.84 -37.94 -13.68
N VAL A 790 -7.63 -39.10 -13.06
CA VAL A 790 -6.57 -39.27 -12.09
C VAL A 790 -5.23 -38.83 -12.64
N GLN A 791 -4.92 -39.29 -13.84
CA GLN A 791 -3.67 -38.94 -14.48
C GLN A 791 -3.57 -37.41 -14.70
N LEU A 792 -4.56 -36.87 -15.41
CA LEU A 792 -4.60 -35.45 -15.74
C LEU A 792 -4.29 -34.55 -14.57
N LEU A 793 -4.90 -34.81 -13.43
CA LEU A 793 -4.67 -33.99 -12.24
C LEU A 793 -3.20 -34.01 -11.85
N TRP A 794 -2.59 -35.19 -11.92
CA TRP A 794 -1.20 -35.32 -11.58
C TRP A 794 -0.42 -34.37 -12.49
N VAL A 795 -0.61 -34.52 -13.79
CA VAL A 795 0.07 -33.66 -14.74
C VAL A 795 -0.19 -32.19 -14.50
N ASN A 796 -1.41 -31.86 -14.05
CA ASN A 796 -1.76 -30.47 -13.81
C ASN A 796 -1.32 -29.90 -12.49
N LEU A 797 -1.13 -30.74 -11.48
CA LEU A 797 -0.68 -30.20 -10.22
C LEU A 797 0.81 -30.33 -10.08
N VAL A 798 1.36 -31.46 -10.53
CA VAL A 798 2.79 -31.73 -10.39
C VAL A 798 3.68 -31.74 -11.63
N THR A 799 3.37 -32.60 -12.59
CA THR A 799 4.18 -32.69 -13.81
C THR A 799 4.33 -31.34 -14.51
N ASP A 800 3.34 -30.45 -14.36
CA ASP A 800 3.41 -29.14 -14.98
C ASP A 800 3.62 -28.05 -13.92
N GLY A 801 3.36 -28.40 -12.67
CA GLY A 801 3.50 -27.44 -11.59
C GLY A 801 4.94 -26.98 -11.40
N LEU A 802 5.84 -27.94 -11.46
CA LEU A 802 7.27 -27.65 -11.31
C LEU A 802 7.74 -26.72 -12.44
N PRO A 803 7.61 -27.12 -13.70
CA PRO A 803 8.05 -26.25 -14.79
C PRO A 803 7.42 -24.87 -14.66
N ALA A 804 6.13 -24.87 -14.30
CA ALA A 804 5.39 -23.63 -14.15
C ALA A 804 6.04 -22.69 -13.14
N THR A 805 6.15 -23.11 -11.88
CA THR A 805 6.71 -22.21 -10.88
C THR A 805 8.12 -21.77 -11.26
N ALA A 806 8.89 -22.65 -11.90
CA ALA A 806 10.25 -22.32 -12.31
C ALA A 806 10.22 -21.17 -13.33
N LEU A 807 9.24 -21.20 -14.23
CA LEU A 807 9.09 -20.12 -15.22
C LEU A 807 8.89 -18.78 -14.51
N GLY A 808 8.62 -18.84 -13.20
CA GLY A 808 8.43 -17.63 -12.43
C GLY A 808 9.77 -17.00 -12.10
N PHE A 809 10.85 -17.73 -12.38
CA PHE A 809 12.18 -17.22 -12.12
C PHE A 809 12.91 -16.84 -13.38
N ASN A 810 12.17 -16.45 -14.40
CA ASN A 810 12.81 -16.08 -15.63
C ASN A 810 13.57 -14.79 -15.48
N PRO A 811 14.76 -14.71 -16.10
CA PRO A 811 15.58 -13.50 -16.03
C PRO A 811 14.76 -12.32 -16.54
N PRO A 812 14.66 -11.28 -15.72
CA PRO A 812 13.91 -10.06 -16.01
C PRO A 812 14.46 -9.29 -17.20
N ASP A 813 13.58 -8.68 -18.00
CA ASP A 813 14.02 -7.89 -19.15
C ASP A 813 14.82 -6.68 -18.66
N LEU A 814 15.85 -6.31 -19.41
CA LEU A 814 16.68 -5.19 -19.02
C LEU A 814 15.95 -3.86 -19.08
N ASP A 815 15.01 -3.75 -20.02
CA ASP A 815 14.26 -2.52 -20.21
C ASP A 815 12.93 -2.41 -19.47
N ILE A 816 12.68 -3.28 -18.50
CA ILE A 816 11.41 -3.28 -17.78
C ILE A 816 10.93 -1.90 -17.34
N MET A 817 11.87 -1.04 -16.96
CA MET A 817 11.51 0.29 -16.51
C MET A 817 11.49 1.35 -17.59
N ASP A 818 11.84 0.98 -18.81
CA ASP A 818 11.84 1.95 -19.90
C ASP A 818 10.57 1.88 -20.71
N ARG A 819 9.62 1.08 -20.22
CA ARG A 819 8.34 0.93 -20.88
C ARG A 819 7.25 1.45 -19.95
N PRO A 820 6.22 2.09 -20.50
CA PRO A 820 5.10 2.64 -19.72
C PRO A 820 4.38 1.61 -18.84
N PRO A 821 3.41 2.06 -18.05
CA PRO A 821 2.69 1.10 -17.20
C PRO A 821 1.73 0.22 -18.01
N ARG A 822 1.67 -1.05 -17.62
CA ARG A 822 0.80 -2.03 -18.28
C ARG A 822 -0.66 -1.65 -18.18
N SER A 823 -1.45 -2.00 -19.18
CA SER A 823 -2.87 -1.71 -19.12
C SER A 823 -3.51 -2.88 -18.36
N PRO A 824 -4.32 -2.60 -17.32
CA PRO A 824 -4.97 -3.66 -16.54
C PRO A 824 -5.88 -4.52 -17.40
N LYS A 825 -6.56 -3.87 -18.35
CA LYS A 825 -7.49 -4.54 -19.23
C LYS A 825 -6.85 -5.40 -20.31
N GLU A 826 -5.52 -5.42 -20.34
CA GLU A 826 -4.78 -6.21 -21.32
C GLU A 826 -5.06 -7.69 -21.10
N PRO A 827 -5.63 -8.38 -22.11
CA PRO A 827 -5.91 -9.81 -21.99
C PRO A 827 -4.59 -10.59 -22.05
N LEU A 828 -4.56 -11.78 -21.45
CA LEU A 828 -3.35 -12.60 -21.42
C LEU A 828 -3.11 -13.40 -22.68
N ILE A 829 -4.17 -13.74 -23.40
CA ILE A 829 -4.04 -14.49 -24.63
C ILE A 829 -5.06 -14.01 -25.65
N SER A 830 -4.56 -13.45 -26.74
CA SER A 830 -5.41 -12.95 -27.80
C SER A 830 -4.62 -12.85 -29.08
N GLY A 831 -5.29 -12.44 -30.15
CA GLY A 831 -4.64 -12.30 -31.42
C GLY A 831 -3.74 -13.48 -31.77
N TRP A 832 -2.66 -13.18 -32.46
CA TRP A 832 -1.73 -14.20 -32.87
C TRP A 832 -1.42 -15.23 -31.79
N LEU A 833 -1.30 -14.80 -30.55
CA LEU A 833 -0.99 -15.76 -29.50
C LEU A 833 -2.12 -16.77 -29.35
N PHE A 834 -3.36 -16.27 -29.36
CA PHE A 834 -4.53 -17.14 -29.26
C PHE A 834 -4.42 -18.29 -30.25
N PHE A 835 -4.01 -17.95 -31.47
CA PHE A 835 -3.86 -18.91 -32.54
C PHE A 835 -2.78 -19.96 -32.31
N ARG A 836 -1.64 -19.54 -31.77
CA ARG A 836 -0.59 -20.50 -31.53
C ARG A 836 -1.04 -21.59 -30.59
N TYR A 837 -1.70 -21.19 -29.50
CA TYR A 837 -2.20 -22.16 -28.52
C TYR A 837 -3.38 -22.90 -29.11
N MET A 838 -4.07 -22.20 -30.00
CA MET A 838 -5.20 -22.79 -30.70
C MET A 838 -4.58 -23.95 -31.50
N ALA A 839 -3.37 -23.73 -32.01
CA ALA A 839 -2.67 -24.74 -32.81
C ALA A 839 -1.90 -25.74 -31.98
N ILE A 840 -1.27 -25.27 -30.89
CA ILE A 840 -0.49 -26.16 -30.04
C ILE A 840 -1.43 -27.16 -29.36
N GLY A 841 -2.55 -26.66 -28.86
CA GLY A 841 -3.50 -27.53 -28.22
C GLY A 841 -3.99 -28.49 -29.28
N GLY A 842 -4.35 -27.93 -30.42
CA GLY A 842 -4.82 -28.75 -31.51
C GLY A 842 -3.83 -29.87 -31.75
N TYR A 843 -2.56 -29.59 -31.53
CA TYR A 843 -1.50 -30.59 -31.74
C TYR A 843 -1.44 -31.67 -30.69
N VAL A 844 -1.18 -31.27 -29.46
CA VAL A 844 -1.07 -32.22 -28.36
C VAL A 844 -2.35 -33.03 -28.26
N GLY A 845 -3.47 -32.43 -28.68
CA GLY A 845 -4.74 -33.12 -28.64
C GLY A 845 -4.71 -34.29 -29.60
N ALA A 846 -3.94 -34.11 -30.67
CA ALA A 846 -3.78 -35.13 -31.68
C ALA A 846 -2.71 -36.12 -31.21
N ALA A 847 -1.58 -35.58 -30.75
CA ALA A 847 -0.47 -36.42 -30.30
C ALA A 847 -0.87 -37.39 -29.19
N THR A 848 -1.70 -36.93 -28.26
CA THR A 848 -2.15 -37.75 -27.15
C THR A 848 -3.13 -38.83 -27.58
N VAL A 849 -4.11 -38.43 -28.37
CA VAL A 849 -5.14 -39.35 -28.87
C VAL A 849 -4.50 -40.42 -29.76
N GLY A 850 -3.71 -39.95 -30.72
CA GLY A 850 -3.05 -40.86 -31.64
C GLY A 850 -2.04 -41.77 -30.96
N ALA A 851 -1.25 -41.21 -30.05
CA ALA A 851 -0.24 -42.00 -29.34
C ALA A 851 -0.82 -43.29 -28.75
N ALA A 852 -2.03 -43.19 -28.21
CA ALA A 852 -2.71 -44.32 -27.61
C ALA A 852 -3.23 -45.27 -28.69
N ALA A 853 -3.92 -44.71 -29.69
CA ALA A 853 -4.46 -45.50 -30.79
C ALA A 853 -3.38 -46.30 -31.53
N TRP A 854 -2.23 -45.66 -31.73
CA TRP A 854 -1.09 -46.28 -32.39
C TRP A 854 -0.62 -47.55 -31.68
N TRP A 855 -0.96 -47.69 -30.40
CA TRP A 855 -0.56 -48.88 -29.67
C TRP A 855 -1.51 -50.00 -30.01
N PHE A 856 -2.78 -49.67 -30.12
CA PHE A 856 -3.78 -50.66 -30.47
C PHE A 856 -3.40 -51.23 -31.84
N MET A 857 -3.47 -50.40 -32.86
CA MET A 857 -3.13 -50.79 -34.22
C MET A 857 -1.73 -50.25 -34.56
N TYR A 858 -0.89 -51.04 -35.21
CA TYR A 858 0.46 -50.61 -35.60
C TYR A 858 1.60 -50.88 -34.63
N ALA A 859 1.30 -51.33 -33.41
CA ALA A 859 2.39 -51.61 -32.48
C ALA A 859 2.66 -53.11 -32.42
N GLU A 860 3.90 -53.47 -32.04
CA GLU A 860 4.29 -54.87 -31.93
C GLU A 860 3.84 -55.50 -30.63
N ASP A 861 3.64 -54.67 -29.62
CA ASP A 861 3.17 -55.10 -28.31
C ASP A 861 1.67 -55.28 -28.36
N GLY A 862 1.03 -54.38 -29.10
CA GLY A 862 -0.42 -54.40 -29.19
C GLY A 862 -1.01 -55.01 -30.43
N PRO A 863 -2.20 -55.60 -30.26
CA PRO A 863 -2.99 -56.27 -31.29
C PRO A 863 -3.50 -55.33 -32.38
N GLY A 864 -2.82 -55.33 -33.53
CA GLY A 864 -3.22 -54.47 -34.62
C GLY A 864 -4.68 -54.62 -35.05
N VAL A 865 -5.51 -53.69 -34.58
CA VAL A 865 -6.94 -53.65 -34.93
C VAL A 865 -6.97 -52.73 -36.18
N THR A 866 -5.74 -52.48 -36.67
CA THR A 866 -5.41 -51.61 -37.82
C THR A 866 -6.46 -51.37 -38.88
N TYR A 867 -6.80 -50.09 -39.04
CA TYR A 867 -7.81 -49.65 -39.98
C TYR A 867 -9.11 -50.43 -39.95
N HIS A 868 -9.53 -50.73 -38.73
CA HIS A 868 -10.76 -51.43 -38.48
C HIS A 868 -11.24 -50.84 -37.16
N GLN A 869 -12.54 -50.55 -37.10
CA GLN A 869 -13.13 -49.96 -35.92
C GLN A 869 -12.64 -50.44 -34.58
N LEU A 870 -11.74 -49.64 -34.05
CA LEU A 870 -11.19 -49.84 -32.73
C LEU A 870 -12.33 -49.13 -31.99
N THR A 871 -12.89 -48.18 -32.73
CA THR A 871 -13.99 -47.31 -32.32
C THR A 871 -15.22 -47.99 -31.75
N HIS A 872 -15.73 -49.03 -32.42
CA HIS A 872 -16.91 -49.72 -31.93
C HIS A 872 -16.59 -50.70 -30.82
N PHE A 873 -15.42 -50.53 -30.22
CA PHE A 873 -14.92 -51.38 -29.16
C PHE A 873 -15.90 -51.70 -28.05
N MET A 874 -16.88 -50.82 -27.82
CA MET A 874 -17.85 -51.08 -26.75
C MET A 874 -18.77 -52.25 -27.08
N GLN A 875 -19.22 -52.31 -28.33
CA GLN A 875 -20.04 -53.42 -28.76
C GLN A 875 -18.97 -54.40 -29.21
N CYS A 876 -18.58 -55.30 -28.32
CA CYS A 876 -17.53 -56.20 -28.67
C CYS A 876 -17.71 -57.65 -28.26
N THR A 877 -18.00 -57.92 -26.98
CA THR A 877 -18.18 -59.32 -26.55
C THR A 877 -19.29 -60.03 -27.34
N GLU A 878 -20.26 -59.23 -27.78
CA GLU A 878 -21.41 -59.72 -28.54
C GLU A 878 -21.04 -59.91 -30.03
N ASP A 879 -20.60 -58.81 -30.65
CA ASP A 879 -20.24 -58.74 -32.07
C ASP A 879 -18.91 -59.43 -32.45
N HIS A 880 -18.26 -60.10 -31.50
CA HIS A 880 -16.97 -60.70 -31.81
C HIS A 880 -16.92 -61.59 -33.06
N PRO A 881 -17.99 -62.37 -33.33
CA PRO A 881 -17.90 -63.19 -34.53
C PRO A 881 -17.72 -62.29 -35.76
N HIS A 882 -18.01 -61.00 -35.57
CA HIS A 882 -17.91 -60.00 -36.63
C HIS A 882 -16.87 -58.95 -36.28
N PHE A 883 -15.74 -59.00 -36.97
CA PHE A 883 -14.67 -58.04 -36.76
C PHE A 883 -14.02 -58.04 -35.37
N GLU A 884 -14.09 -59.16 -34.66
CA GLU A 884 -13.46 -59.26 -33.33
C GLU A 884 -12.97 -60.67 -32.96
N GLY A 885 -11.96 -61.17 -33.69
CA GLY A 885 -11.43 -62.48 -33.39
C GLY A 885 -10.40 -62.43 -32.26
N LEU A 886 -10.58 -61.49 -31.33
CA LEU A 886 -9.66 -61.31 -30.20
C LEU A 886 -10.39 -61.05 -28.88
N ASP A 887 -9.64 -60.81 -27.82
CA ASP A 887 -10.24 -60.57 -26.50
C ASP A 887 -10.72 -59.14 -26.25
N CYS A 888 -12.02 -58.98 -25.99
CA CYS A 888 -12.58 -57.65 -25.72
C CYS A 888 -12.20 -57.13 -24.34
N GLU A 889 -10.91 -56.88 -24.14
CA GLU A 889 -10.43 -56.38 -22.87
C GLU A 889 -9.13 -55.63 -23.11
N ILE A 890 -8.60 -55.75 -24.33
CA ILE A 890 -7.36 -55.07 -24.72
C ILE A 890 -7.57 -53.60 -24.39
N PHE A 891 -8.76 -53.13 -24.76
CA PHE A 891 -9.16 -51.74 -24.57
C PHE A 891 -8.97 -51.22 -23.15
N GLU A 892 -9.07 -52.09 -22.16
CA GLU A 892 -8.86 -51.66 -20.79
C GLU A 892 -7.37 -51.51 -20.51
N ALA A 893 -6.54 -52.05 -21.41
CA ALA A 893 -5.07 -52.04 -21.25
C ALA A 893 -4.44 -50.70 -20.87
N PRO A 894 -3.35 -50.75 -20.09
CA PRO A 894 -2.58 -49.62 -19.57
C PRO A 894 -1.57 -49.03 -20.56
N GLU A 895 -0.95 -49.90 -21.36
CA GLU A 895 0.04 -49.46 -22.34
C GLU A 895 -0.46 -48.22 -23.07
N PRO A 896 -1.63 -48.33 -23.73
CA PRO A 896 -2.19 -47.20 -24.48
C PRO A 896 -2.24 -45.87 -23.70
N MET A 897 -2.88 -45.87 -22.54
CA MET A 897 -2.94 -44.67 -21.74
C MET A 897 -1.55 -44.22 -21.36
N THR A 898 -0.73 -45.18 -20.91
CA THR A 898 0.64 -44.88 -20.52
C THR A 898 1.41 -44.30 -21.69
N MET A 899 0.86 -44.44 -22.89
CA MET A 899 1.49 -43.88 -24.07
C MET A 899 1.16 -42.39 -24.16
N ALA A 900 -0.13 -42.09 -24.25
CA ALA A 900 -0.56 -40.71 -24.33
C ALA A 900 -0.05 -39.90 -23.14
N LEU A 901 -0.19 -40.44 -21.94
CA LEU A 901 0.27 -39.73 -20.77
C LEU A 901 1.75 -39.42 -20.86
N SER A 902 2.50 -40.24 -21.57
CA SER A 902 3.93 -39.99 -21.72
C SER A 902 4.18 -38.94 -22.79
N VAL A 903 3.40 -38.99 -23.86
CA VAL A 903 3.57 -37.99 -24.92
C VAL A 903 3.14 -36.64 -24.36
N LEU A 904 2.09 -36.65 -23.53
CA LEU A 904 1.62 -35.41 -22.91
C LEU A 904 2.74 -34.86 -22.04
N VAL A 905 3.21 -35.68 -21.11
CA VAL A 905 4.27 -35.28 -20.22
C VAL A 905 5.46 -34.73 -20.98
N THR A 906 5.98 -35.44 -21.98
CA THR A 906 7.14 -34.89 -22.70
C THR A 906 6.80 -33.65 -23.52
N ILE A 907 5.57 -33.57 -24.05
CA ILE A 907 5.20 -32.39 -24.82
C ILE A 907 5.02 -31.19 -23.92
N GLU A 908 4.74 -31.42 -22.65
CA GLU A 908 4.57 -30.30 -21.75
C GLU A 908 5.89 -29.79 -21.22
N MET A 909 6.94 -30.60 -21.30
CA MET A 909 8.25 -30.14 -20.85
C MET A 909 8.81 -29.34 -22.00
N CYS A 910 8.45 -29.74 -23.23
CA CYS A 910 8.92 -29.07 -24.42
C CYS A 910 8.23 -27.73 -24.56
N ASN A 911 6.96 -27.71 -24.17
CA ASN A 911 6.18 -26.51 -24.25
C ASN A 911 6.57 -25.56 -23.11
N ALA A 912 7.31 -26.08 -22.15
CA ALA A 912 7.78 -25.28 -21.03
C ALA A 912 9.03 -24.51 -21.44
N LEU A 913 9.74 -25.02 -22.44
CA LEU A 913 10.95 -24.37 -22.95
C LEU A 913 10.52 -23.31 -23.94
N ASN A 914 9.43 -23.60 -24.65
CA ASN A 914 8.89 -22.67 -25.63
C ASN A 914 8.29 -21.46 -24.92
N SER A 915 8.06 -21.61 -23.62
CA SER A 915 7.46 -20.55 -22.80
C SER A 915 8.47 -19.63 -22.11
N LEU A 916 9.74 -19.79 -22.47
CA LEU A 916 10.81 -18.97 -21.91
C LEU A 916 10.77 -17.57 -22.49
N SER A 917 10.10 -17.46 -23.62
CA SER A 917 9.94 -16.18 -24.31
C SER A 917 8.72 -16.25 -25.23
N GLU A 918 7.88 -15.23 -25.19
CA GLU A 918 6.69 -15.21 -26.02
C GLU A 918 7.07 -15.34 -27.49
N ASN A 919 8.04 -14.53 -27.93
CA ASN A 919 8.44 -14.58 -29.33
C ASN A 919 9.88 -14.88 -29.67
N GLN A 920 10.75 -15.03 -28.67
CA GLN A 920 12.14 -15.31 -29.00
C GLN A 920 12.42 -16.79 -29.19
N SER A 921 13.09 -17.13 -30.28
CA SER A 921 13.41 -18.52 -30.56
C SER A 921 14.36 -19.07 -29.50
N LEU A 922 14.34 -20.39 -29.33
CA LEU A 922 15.22 -21.01 -28.36
C LEU A 922 16.66 -20.90 -28.84
N MET A 923 16.81 -20.94 -30.16
CA MET A 923 18.14 -20.85 -30.76
C MET A 923 18.75 -19.52 -30.37
N ARG A 924 17.89 -18.57 -29.98
CA ARG A 924 18.36 -17.27 -29.54
C ARG A 924 18.37 -17.24 -28.01
N MET A 925 17.22 -17.50 -27.39
CA MET A 925 17.15 -17.51 -25.93
C MET A 925 17.18 -18.97 -25.50
N PRO A 926 18.37 -19.57 -25.49
CA PRO A 926 18.46 -20.98 -25.10
C PRO A 926 17.82 -21.33 -23.76
N PRO A 927 17.38 -22.58 -23.62
CA PRO A 927 16.74 -23.08 -22.42
C PRO A 927 17.65 -22.93 -21.20
N TRP A 928 18.95 -23.18 -21.37
CA TRP A 928 19.87 -23.06 -20.22
C TRP A 928 19.84 -21.67 -19.58
N VAL A 929 19.21 -20.71 -20.25
CA VAL A 929 19.07 -19.36 -19.71
C VAL A 929 18.48 -19.38 -18.30
N ASN A 930 17.45 -20.22 -18.09
CA ASN A 930 16.81 -20.38 -16.80
C ASN A 930 17.10 -21.78 -16.29
N ILE A 931 18.05 -21.89 -15.36
CA ILE A 931 18.42 -23.17 -14.82
C ILE A 931 17.29 -23.84 -14.09
N TRP A 932 16.64 -23.11 -13.19
CA TRP A 932 15.53 -23.66 -12.44
C TRP A 932 14.62 -24.43 -13.39
N LEU A 933 14.36 -23.88 -14.56
CA LEU A 933 13.48 -24.55 -15.50
C LEU A 933 13.95 -25.97 -15.79
N LEU A 934 15.15 -26.10 -16.35
CA LEU A 934 15.71 -27.41 -16.68
C LEU A 934 15.69 -28.35 -15.48
N GLY A 935 16.12 -27.85 -14.33
CA GLY A 935 16.14 -28.66 -13.14
C GLY A 935 14.80 -29.31 -12.85
N SER A 936 13.74 -28.50 -12.83
CA SER A 936 12.41 -29.02 -12.56
C SER A 936 11.98 -30.01 -13.62
N ILE A 937 12.43 -29.80 -14.86
CA ILE A 937 12.08 -30.70 -15.95
C ILE A 937 12.64 -32.08 -15.66
N CYS A 938 13.68 -32.13 -14.84
CA CYS A 938 14.27 -33.40 -14.48
C CYS A 938 13.46 -33.97 -13.36
N LEU A 939 13.22 -33.14 -12.34
CA LEU A 939 12.44 -33.58 -11.21
C LEU A 939 11.11 -34.15 -11.71
N SER A 940 10.52 -33.47 -12.70
CA SER A 940 9.25 -33.89 -13.32
C SER A 940 9.32 -35.24 -13.98
N MET A 941 10.30 -35.39 -14.87
CA MET A 941 10.46 -36.65 -15.57
C MET A 941 10.61 -37.81 -14.62
N SER A 942 11.54 -37.69 -13.68
CA SER A 942 11.76 -38.76 -12.69
C SER A 942 10.45 -39.04 -11.94
N LEU A 943 9.67 -37.99 -11.69
CA LEU A 943 8.39 -38.14 -11.01
C LEU A 943 7.47 -38.97 -11.88
N HIS A 944 7.48 -38.68 -13.17
CA HIS A 944 6.68 -39.44 -14.15
C HIS A 944 7.08 -40.90 -14.08
N PHE A 945 8.40 -41.15 -14.06
CA PHE A 945 8.93 -42.51 -13.98
C PHE A 945 8.52 -43.17 -12.69
N LEU A 946 8.55 -42.43 -11.59
CA LEU A 946 8.15 -42.93 -10.28
C LEU A 946 6.76 -43.58 -10.36
N ILE A 947 5.77 -42.83 -10.86
CA ILE A 947 4.42 -43.35 -10.98
C ILE A 947 4.29 -44.44 -12.04
N LEU A 948 5.38 -44.72 -12.76
CA LEU A 948 5.35 -45.78 -13.76
C LEU A 948 5.89 -47.09 -13.17
N TYR A 949 6.90 -47.00 -12.32
CA TYR A 949 7.49 -48.20 -11.74
C TYR A 949 7.13 -48.49 -10.28
N VAL A 950 7.53 -47.65 -9.33
CA VAL A 950 7.20 -47.94 -7.92
C VAL A 950 5.80 -48.53 -7.75
N ASP A 951 5.80 -49.85 -7.67
CA ASP A 951 4.61 -50.68 -7.58
C ASP A 951 3.26 -50.10 -7.15
N PRO A 952 3.11 -49.68 -5.88
CA PRO A 952 1.77 -49.15 -5.58
C PRO A 952 1.16 -48.18 -6.61
N LEU A 953 1.97 -47.25 -7.11
CA LEU A 953 1.50 -46.22 -8.04
C LEU A 953 0.90 -46.63 -9.40
N PRO A 954 1.68 -47.34 -10.24
CA PRO A 954 1.19 -47.75 -11.56
C PRO A 954 -0.24 -48.24 -11.56
N MET A 955 -0.59 -49.00 -10.53
CA MET A 955 -1.93 -49.59 -10.40
C MET A 955 -3.08 -48.61 -10.34
N ILE A 956 -2.93 -47.53 -9.57
CA ILE A 956 -4.00 -46.54 -9.42
C ILE A 956 -4.15 -45.59 -10.60
N PHE A 957 -3.05 -45.36 -11.32
CA PHE A 957 -3.07 -44.49 -12.48
C PHE A 957 -3.43 -45.26 -13.74
N LYS A 958 -3.49 -46.58 -13.64
CA LYS A 958 -3.80 -47.43 -14.78
C LYS A 958 -2.64 -47.29 -15.77
N LEU A 959 -1.41 -47.31 -15.25
CA LEU A 959 -0.21 -47.13 -16.07
C LEU A 959 0.79 -48.27 -15.97
N LYS A 960 1.22 -48.77 -17.13
CA LYS A 960 2.23 -49.82 -17.18
C LYS A 960 3.45 -49.29 -17.91
N ALA A 961 4.61 -49.43 -17.28
CA ALA A 961 5.87 -48.97 -17.86
C ALA A 961 6.04 -49.44 -19.28
N LEU A 962 6.54 -48.55 -20.13
CA LEU A 962 6.75 -48.94 -21.50
C LEU A 962 8.24 -49.03 -21.80
N ASP A 963 8.58 -49.99 -22.66
CA ASP A 963 9.95 -50.28 -23.05
C ASP A 963 10.64 -49.20 -23.84
N LEU A 964 11.90 -49.49 -24.16
CA LEU A 964 12.79 -48.57 -24.85
C LEU A 964 12.39 -48.21 -26.28
N THR A 965 11.53 -49.01 -26.91
CA THR A 965 11.12 -48.67 -28.27
C THR A 965 9.83 -47.86 -28.28
N GLN A 966 8.93 -48.17 -27.34
CA GLN A 966 7.67 -47.44 -27.25
C GLN A 966 8.02 -46.01 -26.87
N TRP A 967 8.99 -45.87 -25.95
CA TRP A 967 9.44 -44.55 -25.50
C TRP A 967 9.91 -43.69 -26.65
N LEU A 968 10.75 -44.27 -27.49
CA LEU A 968 11.27 -43.57 -28.66
C LEU A 968 10.11 -43.03 -29.50
N MET A 969 9.00 -43.74 -29.50
CA MET A 969 7.82 -43.29 -30.24
C MET A 969 7.27 -42.03 -29.58
N VAL A 970 7.29 -41.99 -28.25
CA VAL A 970 6.80 -40.84 -27.51
C VAL A 970 7.53 -39.60 -28.02
N LEU A 971 8.84 -39.74 -28.16
CA LEU A 971 9.71 -38.66 -28.64
C LEU A 971 9.40 -38.22 -30.05
N LYS A 972 9.24 -39.20 -30.93
CA LYS A 972 8.95 -38.90 -32.32
C LYS A 972 7.62 -38.14 -32.41
N ILE A 973 6.82 -38.24 -31.36
CA ILE A 973 5.54 -37.56 -31.36
C ILE A 973 5.63 -36.18 -30.71
N SER A 974 6.14 -36.14 -29.49
CA SER A 974 6.27 -34.88 -28.78
C SER A 974 7.19 -33.84 -29.44
N LEU A 975 8.50 -34.09 -29.39
CA LEU A 975 9.51 -33.18 -29.95
C LEU A 975 9.08 -32.27 -31.10
N PRO A 976 8.36 -32.80 -32.10
CA PRO A 976 7.94 -31.92 -33.19
C PRO A 976 7.30 -30.62 -32.70
N VAL A 977 6.84 -30.62 -31.46
CA VAL A 977 6.22 -29.42 -30.90
C VAL A 977 7.17 -28.24 -30.94
N ILE A 978 8.38 -28.45 -30.43
CA ILE A 978 9.35 -27.38 -30.43
C ILE A 978 9.47 -26.73 -31.80
N GLY A 979 9.51 -27.56 -32.85
CA GLY A 979 9.62 -27.03 -34.20
C GLY A 979 8.37 -26.27 -34.61
N LEU A 980 7.22 -26.81 -34.26
CA LEU A 980 5.94 -26.19 -34.60
C LEU A 980 5.89 -24.79 -34.02
N ASP A 981 6.45 -24.62 -32.82
CA ASP A 981 6.43 -23.32 -32.17
C ASP A 981 7.48 -22.38 -32.73
N GLU A 982 8.68 -22.89 -32.99
CA GLU A 982 9.74 -22.07 -33.55
C GLU A 982 9.23 -21.39 -34.80
N ILE A 983 8.51 -22.17 -35.59
CA ILE A 983 7.90 -21.72 -36.85
C ILE A 983 6.88 -20.62 -36.60
N LEU A 984 5.93 -20.91 -35.70
CA LEU A 984 4.88 -19.99 -35.33
C LEU A 984 5.45 -18.72 -34.71
N LYS A 985 6.57 -18.85 -34.02
CA LYS A 985 7.24 -17.69 -33.45
C LYS A 985 7.86 -16.90 -34.61
N PHE A 986 8.62 -17.60 -35.44
CA PHE A 986 9.26 -16.96 -36.58
C PHE A 986 8.25 -16.10 -37.31
N ILE A 987 7.02 -16.58 -37.41
CA ILE A 987 5.99 -15.81 -38.10
C ILE A 987 5.77 -14.48 -37.39
N ALA A 988 5.46 -14.57 -36.10
CA ALA A 988 5.24 -13.36 -35.30
C ALA A 988 6.43 -12.44 -35.52
N ARG A 989 7.60 -12.97 -35.21
CA ARG A 989 8.84 -12.25 -35.38
C ARG A 989 9.02 -11.51 -36.71
N ASN A 990 8.75 -12.19 -37.82
CA ASN A 990 9.01 -11.59 -39.11
C ASN A 990 7.94 -11.09 -40.09
N TYR A 991 6.66 -11.27 -39.83
CA TYR A 991 5.70 -10.77 -40.82
C TYR A 991 4.66 -9.96 -40.11
N LEU A 992 3.93 -10.67 -39.27
CA LEU A 992 2.90 -10.03 -38.48
C LEU A 992 3.67 -8.96 -37.77
N GLU A 993 3.01 -7.82 -37.62
CA GLU A 993 3.67 -6.68 -37.01
C GLU A 993 4.20 -6.97 -35.69
N GLY A 994 5.52 -6.89 -35.80
CA GLY A 994 6.50 -7.11 -34.81
C GLY A 994 7.74 -7.73 -35.45
K K B . -7.12 -0.15 -0.99
MG MG C . 0.31 12.69 7.58
C1 HZ1 D . -9.75 -19.21 -24.56
O1 HZ1 D . -10.86 -20.77 -26.17
C2 HZ1 D . -10.20 -20.63 -24.89
O2 HZ1 D . -9.61 -22.62 -26.28
C3 HZ1 D . -11.11 -21.11 -23.77
O3 HZ1 D . -10.53 -22.26 -23.12
C4 HZ1 D . -11.15 -19.95 -22.77
O4 HZ1 D . -11.90 -23.34 -24.53
C5 HZ1 D . -10.36 -18.89 -23.19
O5 HZ1 D . -11.45 -16.98 -22.08
C6 HZ1 D . -10.20 -17.64 -22.33
O6 HZ1 D . -9.93 -16.24 -24.30
C7 HZ1 D . -9.38 -16.54 -23.02
O7 HZ1 D . -7.35 -17.53 -22.01
C8 HZ1 D . -7.91 -16.92 -23.17
O8 HZ1 D . -6.53 -15.48 -21.59
C9 HZ1 D . -7.68 -17.72 -24.46
O9 HZ1 D . -7.81 -19.78 -25.70
C10 HZ1 D . -8.23 -19.15 -24.49
O10 HZ1 D . -5.70 -19.62 -24.95
C11 HZ1 D . -9.68 -15.37 -22.08
O11 HZ1 D . -8.79 -15.37 -20.96
C12 HZ1 D . -11.10 -15.73 -21.64
O12 HZ1 D . -11.84 -14.99 -21.01
C13 HZ1 D . -10.51 -21.93 -26.77
C14 HZ1 D . -11.16 -22.34 -28.10
C15 HZ1 D . -10.77 -23.74 -28.58
C16 HZ1 D . -11.79 -24.81 -28.18
C17 HZ1 D . -11.46 -26.17 -28.80
C18 HZ1 D . -12.57 -27.19 -28.57
C19 HZ1 D . -12.27 -28.51 -29.27
C20 HZ1 D . -10.99 -29.13 -28.71
C21 HZ1 D . -11.02 -23.41 -23.66
C22 HZ1 D . -10.52 -24.76 -23.17
C23 HZ1 D . -10.96 -26.04 -23.88
C24 HZ1 D . -9.64 -24.84 -22.09
C25 HZ1 D . -9.19 -23.57 -21.36
C26 HZ1 D . -12.00 -19.94 -21.49
C27 HZ1 D . -6.65 -16.65 -21.23
C28 HZ1 D . -5.99 -17.13 -19.93
C29 HZ1 D . -5.35 -15.98 -19.15
C30 HZ1 D . -6.32 -15.31 -18.16
C31 HZ1 D . -7.73 -19.92 -23.27
C32 HZ1 D . -6.47 -19.94 -25.84
C33 HZ1 D . -5.91 -20.47 -27.17
C34 HZ1 D . -9.66 -14.02 -22.81
C40 HZ1 D . -9.67 -25.34 -6.86
C41 HZ1 D . -9.03 -24.78 -8.13
C42 HZ1 D . -8.85 -25.91 -9.14
C43 HZ1 D . -7.68 -24.14 -7.78
O44 HZ1 D . -9.91 -23.79 -8.67
C45 HZ1 D . -9.46 -23.17 -9.80
O46 HZ1 D . -10.20 -22.35 -10.34
N47 HZ1 D . -8.27 -23.49 -10.30
C48 HZ1 D . -7.68 -22.91 -11.51
C49 HZ1 D . -8.70 -22.20 -12.41
C50 HZ1 D . -8.77 -20.70 -12.09
C51 HZ1 D . -8.70 -19.87 -13.38
C52 HZ1 D . -7.36 -20.09 -14.08
C53 HZ1 D . -7.26 -19.39 -15.44
C54 HZ1 D . -6.71 -17.96 -15.43
C55 HZ1 D . -6.80 -17.28 -16.64
C56 HZ1 D . -6.25 -16.01 -16.80
C57 HZ1 D . -5.60 -15.40 -15.73
C58 HZ1 D . -5.51 -16.06 -14.52
C59 HZ1 D . -6.07 -17.34 -14.37
O60 HZ1 D . -5.94 -17.96 -13.17
C1 PTY E . -4.92 -23.23 -2.62
C2 PTY E . -9.24 -19.27 -1.61
C3 PTY E . -8.47 -18.73 -2.83
O4 PTY E . -4.87 -23.56 -4.01
C5 PTY E . -4.45 -20.71 -2.38
C6 PTY E . -3.92 -22.14 -2.27
O7 PTY E . -2.74 -22.29 -3.09
C8 PTY E . -1.73 -22.80 -2.31
O10 PTY E . -1.95 -23.05 -1.13
C11 PTY E . -0.35 -23.04 -2.91
C12 PTY E . 0.42 -24.07 -2.08
C30 PTY E . -5.29 -24.91 -4.21
C31 PTY E . -4.50 -25.85 -3.28
O30 PTY E . -5.07 -25.26 -5.58
C32 PTY E . -4.80 -27.33 -3.52
C33 PTY E . -4.05 -27.88 -4.74
P1 PTY E . -6.02 -19.14 -3.74
O11 PTY E . -7.43 -19.66 -3.14
O12 PTY E . -6.26 -18.84 -5.31
O13 PTY E . -5.49 -17.97 -3.01
O14 PTY E . -5.04 -20.42 -3.65
N1 PTY E . -10.36 -18.37 -1.32
#